data_4R3J
#
_entry.id   4R3J
#
_cell.length_a   99.633
_cell.length_b   119.836
_cell.length_c   82.544
_cell.angle_alpha   90.00
_cell.angle_beta   90.00
_cell.angle_gamma   90.00
#
_symmetry.space_group_name_H-M   'P 21 21 2'
#
loop_
_entity.id
_entity.type
_entity.pdbx_description
1 polymer 'Peptidoglycan glycosyltransferase'
2 non-polymer '(2R)-2-[(1R)-1-(acetylamino)-2-oxoethyl]-5-methyl-3,6-dihydro-2H-1,3-thiazine-4-carboxylic acid'
3 non-polymer GLYCEROL
4 non-polymer 'PHOSPHATE ION'
5 water water
#
_entity_poly.entity_id   1
_entity_poly.type   'polypeptide(L)'
_entity_poly.pdbx_seq_one_letter_code
;(MSE)HHHHHHSSGVDLWSHPQFEKGTENLYFQSNAIDAPRLQALPTNNHTIAKSAYVQRGAIITSDGVTLAESVKQDDG
TYVRNYPHDG(MSE)ASHTVGYISTQYGTAGIESS(MSE)NETLTGHADHSDWRSALYS(MSE)AGINTTGSSVVLTINS
Q(MSE)QAVAEAALQGYSGSIVV(MSE)DPSTGAVLAKASSPSYTHAELGTIIESGTGSQLVDRTTQALYSPGSSFKTVT
LAAGIDTHKTTLDTTYSAPGT(MSE)EIGGGTIHNYANED(MSE)GTIPLREAFARSSNTALAQLGVALGADNLVSYARA
FGYGTALGQDFSTTPSL(MSE)PNPAE(MSE)TTWELAWASCGLPVGEHASPAGPQTTV(MSE)QNAVIAAAIANGGVV
(MSE)NPYIVDRVLSPEGAVVSTTSPKSLGQAVSADTAAQVREA(MSE)LGVVESGTG(MSE)GARVPGVKIAGKTGTAD
VENGNFNSFFIGFAPYDHPTLVVSVVIEGNGENVLGYGAQVGGRVLAQCLNIQALGAAS
;
_entity_poly.pdbx_strand_id   A,B
#
# COMPACT_ATOMS: atom_id res chain seq x y z
N VAL A 54 24.49 -6.68 40.80
CA VAL A 54 24.91 -7.19 39.45
C VAL A 54 24.09 -6.55 38.34
N GLN A 55 24.85 -6.11 37.33
CA GLN A 55 24.31 -5.50 36.17
C GLN A 55 23.96 -6.61 35.18
N ARG A 56 22.68 -6.75 34.92
CA ARG A 56 22.22 -7.72 33.98
C ARG A 56 22.63 -7.30 32.56
N GLY A 57 23.02 -8.30 31.76
CA GLY A 57 23.37 -8.09 30.37
C GLY A 57 22.31 -7.40 29.51
N ALA A 58 22.77 -6.84 28.39
CA ALA A 58 21.89 -6.17 27.43
C ALA A 58 21.28 -7.09 26.38
N ILE A 59 20.20 -6.64 25.75
CA ILE A 59 19.60 -7.31 24.57
C ILE A 59 19.61 -6.30 23.41
N ILE A 60 20.23 -6.72 22.30
CA ILE A 60 20.68 -5.82 21.25
C ILE A 60 20.34 -6.44 19.93
N THR A 61 19.97 -5.61 18.94
CA THR A 61 19.69 -6.10 17.60
C THR A 61 21.00 -6.32 16.86
N SER A 62 20.93 -7.05 15.75
CA SER A 62 22.14 -7.40 15.00
C SER A 62 22.77 -6.18 14.43
N ASP A 63 21.97 -5.13 14.27
CA ASP A 63 22.41 -3.89 13.69
C ASP A 63 22.67 -2.87 14.80
N GLY A 64 22.79 -3.34 16.04
CA GLY A 64 23.35 -2.55 17.13
C GLY A 64 22.44 -1.64 17.94
N VAL A 65 21.14 -1.79 17.84
CA VAL A 65 20.21 -1.02 18.63
C VAL A 65 19.94 -1.81 19.88
N THR A 66 20.06 -1.14 21.03
CA THR A 66 19.86 -1.77 22.31
C THR A 66 18.37 -1.74 22.66
N LEU A 67 17.80 -2.90 22.98
CA LEU A 67 16.38 -2.98 23.34
C LEU A 67 16.16 -3.28 24.81
N ALA A 68 17.19 -3.73 25.52
CA ALA A 68 17.06 -3.91 26.97
C ALA A 68 18.37 -3.68 27.60
N GLU A 69 18.40 -2.87 28.64
CA GLU A 69 19.67 -2.56 29.29
C GLU A 69 19.41 -2.33 30.75
N SER A 70 20.49 -2.35 31.52
CA SER A 70 20.39 -2.16 32.96
C SER A 70 21.18 -0.95 33.38
N VAL A 71 20.50 -0.01 34.01
CA VAL A 71 21.05 1.31 34.20
C VAL A 71 21.36 1.51 35.66
N LYS A 72 22.60 1.91 35.91
CA LYS A 72 23.08 2.23 37.25
C LYS A 72 22.33 3.46 37.74
N GLN A 73 21.80 3.34 38.94
CA GLN A 73 21.30 4.50 39.68
C GLN A 73 22.44 5.10 40.55
N ASP A 74 22.51 6.43 40.58
CA ASP A 74 23.42 7.16 41.51
C ASP A 74 23.37 6.56 42.93
N ASP A 75 22.18 6.13 43.35
CA ASP A 75 22.02 5.22 44.47
C ASP A 75 22.65 3.86 44.11
N THR A 77 22.63 0.76 42.59
CA THR A 77 21.70 -0.29 42.12
C THR A 77 21.25 -0.08 40.66
N TYR A 78 20.71 -1.15 40.07
CA TYR A 78 20.46 -1.19 38.63
C TYR A 78 18.97 -1.28 38.36
N VAL A 79 18.48 -0.60 37.32
CA VAL A 79 17.08 -0.75 36.89
C VAL A 79 16.99 -1.02 35.37
N ARG A 80 16.06 -1.91 35.03
CA ARG A 80 15.93 -2.44 33.68
C ARG A 80 15.24 -1.45 32.78
N ASN A 81 15.84 -1.09 31.67
CA ASN A 81 15.33 -0.04 30.81
C ASN A 81 15.15 -0.58 29.38
N TYR A 82 14.02 -0.23 28.78
CA TYR A 82 13.70 -0.67 27.45
C TYR A 82 13.56 0.54 26.56
N PRO A 83 14.67 0.96 25.95
CA PRO A 83 14.52 2.03 24.99
C PRO A 83 13.83 1.37 23.81
N HIS A 84 13.18 2.20 23.05
CA HIS A 84 12.26 1.66 22.04
C HIS A 84 11.22 0.72 22.67
N ASP A 85 10.90 0.92 23.96
CA ASP A 85 9.77 0.22 24.62
C ASP A 85 8.57 0.13 23.65
N GLY A 86 8.09 -1.09 23.42
CA GLY A 86 7.11 -1.36 22.39
C GLY A 86 7.68 -2.09 21.17
N ALA A 88 9.33 -5.17 19.38
CA ALA A 88 9.65 -6.58 19.44
C ALA A 88 9.44 -7.17 20.80
N SER A 89 8.31 -6.82 21.38
CA SER A 89 8.01 -7.14 22.78
C SER A 89 7.93 -8.64 23.06
N HIS A 90 7.15 -9.34 22.26
CA HIS A 90 6.99 -10.77 22.45
C HIS A 90 8.30 -11.50 22.40
N THR A 91 9.27 -10.98 21.64
CA THR A 91 10.56 -11.61 21.54
C THR A 91 11.48 -11.20 22.71
N VAL A 92 11.54 -9.92 23.02
CA VAL A 92 12.37 -9.48 24.12
C VAL A 92 11.86 -9.97 25.46
N GLY A 93 10.56 -9.79 25.66
CA GLY A 93 9.90 -10.27 26.85
C GLY A 93 10.25 -9.43 28.04
N TYR A 94 10.29 -10.04 29.22
CA TYR A 94 10.45 -9.28 30.44
C TYR A 94 10.63 -10.20 31.61
N ILE A 95 10.96 -9.61 32.74
CA ILE A 95 11.25 -10.38 33.91
C ILE A 95 10.91 -9.57 35.13
N SER A 96 9.78 -9.94 35.75
CA SER A 96 9.12 -9.22 36.86
C SER A 96 8.57 -10.23 37.87
N THR A 97 8.77 -9.90 39.14
CA THR A 97 8.11 -10.56 40.23
C THR A 97 6.60 -10.50 40.10
N GLN A 98 6.06 -9.30 39.94
CA GLN A 98 4.60 -9.17 39.77
C GLN A 98 4.10 -9.74 38.44
N TYR A 99 4.76 -9.43 37.35
CA TYR A 99 4.16 -9.59 36.04
C TYR A 99 4.63 -10.85 35.33
N GLY A 100 5.52 -11.60 35.97
CA GLY A 100 6.02 -12.83 35.37
C GLY A 100 7.18 -12.63 34.43
N THR A 101 7.24 -13.52 33.47
CA THR A 101 8.47 -13.85 32.77
C THR A 101 8.09 -14.17 31.36
N ALA A 102 8.84 -13.63 30.38
CA ALA A 102 8.63 -13.95 28.98
C ALA A 102 9.86 -13.68 28.12
N GLY A 103 9.83 -14.28 26.94
CA GLY A 103 10.72 -13.95 25.85
C GLY A 103 12.15 -14.26 26.13
N ILE A 104 13.01 -13.51 25.47
CA ILE A 104 14.44 -13.68 25.64
C ILE A 104 14.90 -13.31 27.06
N GLU A 105 14.21 -12.38 27.72
CA GLU A 105 14.58 -12.06 29.12
C GLU A 105 14.50 -13.34 29.99
N SER A 106 13.52 -14.17 29.67
CA SER A 106 13.34 -15.43 30.33
C SER A 106 14.30 -16.50 29.79
N SER A 107 14.24 -16.77 28.49
CA SER A 107 14.94 -17.94 27.97
C SER A 107 16.47 -17.83 27.99
N ASN A 109 17.95 -16.02 30.39
CA ASN A 109 18.19 -15.50 31.72
C ASN A 109 19.55 -15.87 32.34
N GLU A 110 19.92 -17.16 32.31
CA GLU A 110 21.22 -17.54 32.87
C GLU A 110 22.37 -16.78 32.20
N THR A 111 22.21 -16.40 30.94
CA THR A 111 23.30 -15.70 30.26
C THR A 111 23.26 -14.22 30.65
N LEU A 112 22.06 -13.64 30.67
CA LEU A 112 21.90 -12.22 30.98
C LEU A 112 22.31 -11.87 32.42
N THR A 113 22.24 -12.89 33.26
CA THR A 113 22.46 -12.79 34.69
C THR A 113 23.93 -13.01 35.07
N GLY A 114 24.57 -13.98 34.41
CA GLY A 114 25.90 -14.47 34.78
C GLY A 114 26.15 -15.88 34.26
N THR A 134 28.55 -9.46 36.54
CA THR A 134 28.01 -8.86 35.31
C THR A 134 27.55 -9.91 34.29
N GLY A 135 26.38 -9.68 33.72
CA GLY A 135 25.85 -10.58 32.74
C GLY A 135 26.56 -10.42 31.42
N SER A 136 26.41 -11.43 30.59
CA SER A 136 26.72 -11.34 29.19
C SER A 136 25.54 -10.75 28.42
N SER A 137 25.81 -10.12 27.29
CA SER A 137 24.73 -9.53 26.47
C SER A 137 24.30 -10.47 25.34
N VAL A 138 23.05 -10.33 24.91
CA VAL A 138 22.52 -11.15 23.87
C VAL A 138 22.23 -10.27 22.64
N VAL A 139 22.83 -10.63 21.52
CA VAL A 139 22.60 -9.99 20.26
C VAL A 139 21.66 -10.86 19.44
N LEU A 140 20.55 -10.29 19.04
CA LEU A 140 19.50 -11.01 18.34
C LEU A 140 19.78 -10.98 16.86
N THR A 141 19.15 -11.87 16.12
CA THR A 141 19.21 -11.81 14.66
C THR A 141 18.37 -10.66 14.11
N ILE A 142 17.39 -10.21 14.87
CA ILE A 142 16.50 -9.14 14.47
C ILE A 142 17.24 -7.87 14.02
N ASN A 143 16.82 -7.34 12.88
CA ASN A 143 17.29 -6.11 12.35
C ASN A 143 16.27 -5.04 12.73
N SER A 144 16.73 -4.06 13.51
CA SER A 144 15.84 -3.03 14.03
C SER A 144 15.05 -2.32 12.94
N GLN A 145 15.66 -2.10 11.78
CA GLN A 145 14.95 -1.42 10.69
C GLN A 145 13.85 -2.32 10.09
N GLN A 147 12.40 -4.81 11.56
CA GLN A 147 11.43 -4.89 12.62
C GLN A 147 10.48 -3.71 12.65
N ALA A 148 11.02 -2.50 12.49
CA ALA A 148 10.18 -1.31 12.54
C ALA A 148 9.22 -1.34 11.36
N VAL A 149 9.69 -1.84 10.22
CA VAL A 149 8.87 -1.90 9.02
C VAL A 149 7.68 -2.83 9.22
N ALA A 150 7.97 -4.00 9.78
CA ALA A 150 6.95 -5.01 10.10
C ALA A 150 5.91 -4.46 11.03
N GLU A 151 6.40 -3.74 12.05
CA GLU A 151 5.52 -3.11 13.04
C GLU A 151 4.65 -2.06 12.43
N ALA A 152 5.19 -1.25 11.54
CA ALA A 152 4.32 -0.23 10.96
C ALA A 152 3.25 -0.91 10.08
N ALA A 153 3.62 -1.97 9.37
CA ALA A 153 2.67 -2.68 8.52
C ALA A 153 1.50 -3.27 9.31
N LEU A 154 1.67 -3.44 10.62
CA LEU A 154 0.64 -4.04 11.43
C LEU A 154 -0.20 -3.06 12.25
N GLN A 155 0.15 -1.78 12.25
CA GLN A 155 -0.68 -0.73 12.87
C GLN A 155 -2.11 -0.90 12.39
N GLY A 156 -3.03 -1.03 13.35
CA GLY A 156 -4.44 -1.24 13.06
C GLY A 156 -4.93 -2.67 12.80
N TYR A 157 -4.05 -3.67 12.79
CA TYR A 157 -4.52 -5.04 12.64
C TYR A 157 -4.12 -6.01 13.74
N SER A 158 -4.86 -7.11 13.79
CA SER A 158 -4.44 -8.27 14.52
C SER A 158 -3.77 -9.20 13.50
N GLY A 159 -2.63 -9.77 13.86
CA GLY A 159 -1.91 -10.63 12.94
C GLY A 159 -0.42 -10.61 13.23
N SER A 160 0.40 -11.03 12.26
CA SER A 160 1.82 -11.06 12.50
C SER A 160 2.62 -11.30 11.26
N ILE A 161 3.91 -11.12 11.41
CA ILE A 161 4.80 -11.07 10.29
C ILE A 161 6.12 -11.67 10.72
N VAL A 162 6.65 -12.55 9.89
CA VAL A 162 8.01 -13.01 10.05
C VAL A 162 8.79 -12.65 8.80
N VAL A 163 10.02 -12.17 8.99
CA VAL A 163 10.93 -12.02 7.87
C VAL A 163 12.16 -12.84 8.20
N ASP A 165 15.92 -15.06 6.81
CA ASP A 165 16.97 -15.27 5.82
C ASP A 165 16.82 -16.69 5.38
N PRO A 166 16.47 -16.90 4.10
CA PRO A 166 16.17 -18.27 3.66
C PRO A 166 17.34 -19.20 3.70
N SER A 167 18.56 -18.70 3.58
CA SER A 167 19.67 -19.67 3.63
C SER A 167 20.17 -20.02 5.07
N THR A 168 19.78 -19.28 6.10
CA THR A 168 20.24 -19.61 7.46
C THR A 168 19.14 -19.92 8.47
N GLY A 169 17.92 -19.49 8.21
CA GLY A 169 16.85 -19.60 9.21
C GLY A 169 16.87 -18.45 10.22
N ALA A 170 17.76 -17.46 10.00
CA ALA A 170 17.86 -16.30 10.87
C ALA A 170 16.60 -15.47 10.74
N VAL A 171 16.04 -15.09 11.87
CA VAL A 171 14.81 -14.32 11.88
C VAL A 171 15.15 -12.84 11.94
N LEU A 172 14.91 -12.15 10.84
CA LEU A 172 15.32 -10.75 10.71
C LEU A 172 14.24 -9.82 11.21
N ALA A 173 13.01 -10.30 11.23
CA ALA A 173 11.95 -9.58 11.92
C ALA A 173 10.85 -10.50 12.37
N LYS A 174 10.18 -10.06 13.43
CA LYS A 174 9.21 -10.90 14.13
C LYS A 174 8.27 -10.01 14.90
N ALA A 175 7.07 -9.83 14.38
CA ALA A 175 6.17 -8.81 14.91
C ALA A 175 4.76 -9.37 15.02
N SER A 176 4.15 -9.21 16.18
CA SER A 176 2.79 -9.62 16.42
C SER A 176 1.97 -8.41 16.83
N SER A 177 0.70 -8.40 16.45
CA SER A 177 -0.14 -7.29 16.75
C SER A 177 -1.54 -7.81 17.09
N PRO A 178 -2.19 -7.21 18.10
CA PRO A 178 -1.75 -6.15 18.96
C PRO A 178 -0.57 -6.53 19.87
N SER A 179 0.17 -5.52 20.30
CA SER A 179 1.37 -5.71 21.07
C SER A 179 1.28 -4.77 22.28
N TYR A 180 2.39 -4.50 22.92
CA TYR A 180 2.36 -3.75 24.16
C TYR A 180 3.77 -3.24 24.44
N THR A 181 3.88 -2.36 25.42
CA THR A 181 5.12 -1.83 25.97
C THR A 181 5.30 -2.39 27.38
N HIS A 182 6.54 -2.48 27.87
CA HIS A 182 6.77 -2.77 29.30
C HIS A 182 5.99 -1.80 30.21
N ALA A 183 5.85 -0.55 29.81
CA ALA A 183 5.17 0.42 30.70
C ALA A 183 3.67 0.08 30.97
N GLU A 184 3.02 -0.59 30.02
CA GLU A 184 1.62 -0.93 30.14
C GLU A 184 1.38 -2.31 30.71
N LEU A 185 2.44 -3.07 30.96
CA LEU A 185 2.27 -4.50 31.21
C LEU A 185 1.28 -4.72 32.34
N GLY A 186 1.54 -4.02 33.44
CA GLY A 186 0.76 -4.17 34.64
C GLY A 186 -0.68 -3.91 34.36
N THR A 187 -0.92 -2.77 33.71
CA THR A 187 -2.28 -2.41 33.43
C THR A 187 -2.80 -3.53 32.49
N ILE A 188 -2.07 -3.93 31.45
CA ILE A 188 -2.57 -5.01 30.57
C ILE A 188 -3.01 -6.19 31.41
N ILE A 189 -2.10 -6.69 32.26
CA ILE A 189 -2.36 -7.93 33.02
C ILE A 189 -3.47 -7.79 34.06
N GLU A 190 -3.40 -6.75 34.89
CA GLU A 190 -4.47 -6.50 35.88
C GLU A 190 -5.83 -6.56 35.18
N SER A 191 -5.92 -5.89 34.04
CA SER A 191 -7.14 -5.88 33.25
C SER A 191 -7.48 -7.24 32.70
N GLY A 192 -6.47 -8.00 32.31
CA GLY A 192 -6.68 -9.39 31.92
C GLY A 192 -7.57 -9.56 30.71
N THR A 193 -7.80 -8.47 29.98
CA THR A 193 -8.72 -8.49 28.88
C THR A 193 -7.90 -8.37 27.62
N GLY A 194 -8.36 -8.95 26.52
CA GLY A 194 -7.63 -8.87 25.25
C GLY A 194 -6.44 -9.82 25.13
N SER A 195 -5.69 -9.66 24.05
CA SER A 195 -4.80 -10.68 23.56
C SER A 195 -3.43 -10.15 23.15
N GLN A 196 -3.01 -9.06 23.74
CA GLN A 196 -1.74 -8.45 23.40
C GLN A 196 -0.54 -9.27 23.73
N LEU A 197 -0.67 -10.15 24.72
CA LEU A 197 0.46 -10.95 25.16
C LEU A 197 0.70 -12.14 24.27
N VAL A 198 -0.27 -12.50 23.43
CA VAL A 198 -0.11 -13.63 22.52
C VAL A 198 0.81 -13.26 21.40
N ASP A 199 1.81 -14.10 21.19
CA ASP A 199 2.67 -14.00 20.02
C ASP A 199 2.04 -14.77 18.87
N ARG A 200 1.42 -14.03 17.97
CA ARG A 200 0.83 -14.62 16.79
C ARG A 200 1.82 -15.07 15.72
N THR A 201 3.13 -14.91 15.97
CA THR A 201 4.11 -15.51 15.04
C THR A 201 4.35 -16.96 15.33
N THR A 202 4.27 -17.33 16.59
CA THR A 202 4.80 -18.59 17.05
C THR A 202 3.87 -19.40 17.97
N GLN A 203 2.90 -18.74 18.62
CA GLN A 203 2.06 -19.39 19.63
C GLN A 203 0.60 -19.45 19.25
N ALA A 204 0.24 -18.89 18.10
CA ALA A 204 -1.14 -18.99 17.61
C ALA A 204 -1.16 -19.91 16.38
N LEU A 205 -2.12 -20.82 16.40
CA LEU A 205 -2.32 -21.79 15.34
C LEU A 205 -3.49 -21.33 14.50
N TYR A 206 -3.36 -21.38 13.18
CA TYR A 206 -4.37 -20.91 12.26
C TYR A 206 -4.57 -21.94 11.18
N SER A 207 -5.69 -21.87 10.51
CA SER A 207 -5.92 -22.59 9.28
C SER A 207 -5.21 -21.79 8.24
N PRO A 208 -4.22 -22.41 7.58
CA PRO A 208 -3.40 -21.70 6.61
C PRO A 208 -4.15 -21.42 5.31
N GLY A 209 -5.24 -22.15 5.09
CA GLY A 209 -5.96 -22.03 3.82
C GLY A 209 -5.01 -22.27 2.68
N SER A 210 -5.26 -21.57 1.58
CA SER A 210 -4.63 -21.90 0.31
C SER A 210 -3.13 -21.68 0.33
N SER A 211 -2.62 -21.02 1.37
CA SER A 211 -1.16 -20.88 1.54
C SER A 211 -0.49 -22.26 1.63
N PHE A 212 -1.19 -23.20 2.22
CA PHE A 212 -0.71 -24.57 2.39
C PHE A 212 -0.59 -25.35 1.09
N LYS A 213 -1.23 -24.90 0.02
CA LYS A 213 -1.14 -25.60 -1.25
C LYS A 213 0.30 -25.60 -1.79
N THR A 214 1.11 -24.67 -1.30
CA THR A 214 2.52 -24.72 -1.51
C THR A 214 3.08 -26.11 -1.22
N VAL A 215 2.61 -26.70 -0.11
CA VAL A 215 3.07 -28.01 0.32
C VAL A 215 2.49 -29.09 -0.58
N THR A 216 1.20 -29.00 -0.80
CA THR A 216 0.51 -29.92 -1.69
C THR A 216 1.17 -29.96 -3.04
N LEU A 217 1.57 -28.81 -3.53
CA LEU A 217 2.22 -28.74 -4.83
C LEU A 217 3.63 -29.30 -4.77
N ALA A 218 4.37 -28.90 -3.77
CA ALA A 218 5.71 -29.40 -3.68
C ALA A 218 5.68 -30.91 -3.65
N ALA A 219 4.73 -31.49 -2.93
CA ALA A 219 4.75 -32.93 -2.72
C ALA A 219 4.30 -33.64 -3.98
N GLY A 220 3.30 -33.09 -4.64
CA GLY A 220 2.85 -33.65 -5.90
C GLY A 220 3.96 -33.75 -6.91
N ILE A 221 4.76 -32.71 -6.99
CA ILE A 221 5.87 -32.70 -7.90
C ILE A 221 7.01 -33.63 -7.42
N ASP A 222 7.36 -33.55 -6.14
CA ASP A 222 8.46 -34.35 -5.66
C ASP A 222 8.16 -35.85 -5.77
N THR A 223 6.90 -36.23 -5.73
CA THR A 223 6.53 -37.63 -5.81
C THR A 223 6.24 -38.01 -7.24
N HIS A 224 6.41 -37.09 -8.17
CA HIS A 224 6.20 -37.37 -9.62
C HIS A 224 4.76 -37.68 -9.93
N LYS A 225 3.86 -37.18 -9.09
CA LYS A 225 2.44 -37.35 -9.36
C LYS A 225 1.89 -36.31 -10.34
N THR A 226 2.57 -35.18 -10.51
CA THR A 226 2.08 -34.20 -11.48
C THR A 226 3.23 -33.31 -11.96
N THR A 227 2.91 -32.39 -12.86
CA THR A 227 3.85 -31.35 -13.33
C THR A 227 3.08 -30.03 -13.36
N LEU A 228 3.76 -28.91 -13.56
CA LEU A 228 3.07 -27.62 -13.67
C LEU A 228 2.20 -27.51 -14.92
N ASP A 229 2.43 -28.33 -15.93
CA ASP A 229 1.69 -28.24 -17.19
C ASP A 229 0.66 -29.33 -17.37
N THR A 230 0.57 -30.23 -16.42
CA THR A 230 -0.48 -31.23 -16.38
C THR A 230 -1.83 -30.52 -16.19
N THR A 231 -2.85 -30.97 -16.88
CA THR A 231 -4.07 -30.23 -16.88
C THR A 231 -5.02 -30.82 -15.83
N TYR A 232 -5.82 -29.97 -15.23
CA TYR A 232 -6.77 -30.36 -14.22
C TYR A 232 -8.03 -29.67 -14.58
N SER A 233 -9.11 -30.39 -14.42
CA SER A 233 -10.41 -29.75 -14.49
C SER A 233 -10.64 -29.02 -13.14
N ALA A 234 -11.11 -27.78 -13.23
CA ALA A 234 -11.14 -26.86 -12.08
C ALA A 234 -12.52 -26.24 -12.01
N PRO A 235 -13.54 -27.07 -11.79
CA PRO A 235 -14.87 -26.53 -11.86
C PRO A 235 -15.25 -25.82 -10.58
N GLY A 236 -16.42 -25.20 -10.60
CA GLY A 236 -16.90 -24.43 -9.46
C GLY A 236 -17.14 -25.32 -8.26
N THR A 237 -17.52 -26.58 -8.53
CA THR A 237 -17.96 -27.50 -7.49
C THR A 237 -17.56 -28.90 -7.88
N GLU A 239 -17.67 -33.31 -6.42
CA GLU A 239 -17.91 -34.33 -5.40
C GLU A 239 -16.65 -35.17 -5.19
N ILE A 240 -16.19 -35.20 -3.93
CA ILE A 240 -15.05 -36.02 -3.52
C ILE A 240 -15.31 -36.67 -2.16
N GLY A 241 -15.02 -37.97 -2.09
CA GLY A 241 -15.12 -38.77 -0.86
C GLY A 241 -16.37 -38.56 -0.01
N GLY A 242 -17.49 -38.31 -0.68
CA GLY A 242 -18.79 -38.18 0.00
C GLY A 242 -19.13 -36.77 0.39
N GLY A 243 -18.58 -35.82 -0.34
CA GLY A 243 -18.79 -34.42 0.00
C GLY A 243 -18.32 -33.55 -1.11
N THR A 244 -18.60 -32.27 -0.98
CA THR A 244 -18.37 -31.33 -2.04
C THR A 244 -17.17 -30.39 -1.73
N ILE A 245 -16.45 -30.04 -2.78
CA ILE A 245 -15.35 -29.08 -2.71
C ILE A 245 -15.71 -27.93 -3.63
N HIS A 246 -15.47 -26.70 -3.23
CA HIS A 246 -15.78 -25.58 -4.11
C HIS A 246 -14.61 -24.66 -4.33
N ASN A 247 -14.54 -24.08 -5.53
CA ASN A 247 -13.75 -22.91 -5.75
C ASN A 247 -14.44 -21.72 -5.12
N TYR A 248 -13.64 -20.73 -4.73
CA TYR A 248 -14.16 -19.46 -4.22
C TYR A 248 -15.24 -18.98 -5.19
N ALA A 249 -16.42 -18.67 -4.62
CA ALA A 249 -17.56 -18.13 -5.36
C ALA A 249 -18.01 -19.05 -6.49
N ASN A 250 -17.72 -20.34 -6.34
CA ASN A 250 -18.15 -21.31 -7.30
C ASN A 250 -17.60 -21.02 -8.68
N GLU A 251 -16.41 -20.45 -8.78
CA GLU A 251 -15.92 -20.13 -10.11
C GLU A 251 -15.48 -21.41 -10.79
N ASP A 252 -15.98 -21.59 -12.00
CA ASP A 252 -15.64 -22.69 -12.86
C ASP A 252 -14.63 -22.11 -13.82
N GLY A 254 -12.93 -24.22 -15.81
CA GLY A 254 -12.74 -25.25 -16.82
C GLY A 254 -11.42 -26.00 -16.70
N THR A 255 -10.86 -26.38 -17.83
CA THR A 255 -9.67 -27.19 -17.84
C THR A 255 -8.49 -26.29 -17.97
N ILE A 256 -7.69 -26.24 -16.91
CA ILE A 256 -6.48 -25.41 -16.86
C ILE A 256 -5.29 -26.20 -16.38
N PRO A 257 -4.09 -25.72 -16.74
CA PRO A 257 -2.87 -26.35 -16.23
C PRO A 257 -2.65 -26.04 -14.77
N LEU A 258 -1.92 -26.90 -14.11
CA LEU A 258 -1.66 -26.79 -12.70
C LEU A 258 -1.07 -25.44 -12.32
N ARG A 259 -0.07 -25.01 -13.04
CA ARG A 259 0.56 -23.74 -12.74
C ARG A 259 -0.50 -22.66 -12.65
N GLU A 260 -1.52 -22.75 -13.47
CA GLU A 260 -2.54 -21.73 -13.45
C GLU A 260 -3.52 -21.96 -12.29
N ALA A 261 -3.94 -23.19 -12.08
CA ALA A 261 -4.83 -23.49 -10.95
C ALA A 261 -4.22 -23.06 -9.63
N PHE A 262 -2.92 -23.25 -9.54
CA PHE A 262 -2.18 -22.83 -8.35
C PHE A 262 -2.21 -21.31 -8.24
N ALA A 263 -1.89 -20.65 -9.34
CA ALA A 263 -1.86 -19.19 -9.37
C ALA A 263 -3.24 -18.57 -9.10
N ARG A 264 -4.29 -19.20 -9.59
CA ARG A 264 -5.63 -18.70 -9.37
C ARG A 264 -6.18 -19.25 -8.10
N SER A 265 -5.45 -20.16 -7.48
CA SER A 265 -5.83 -20.79 -6.20
C SER A 265 -7.15 -21.56 -6.23
N SER A 266 -7.29 -22.42 -7.24
CA SER A 266 -8.42 -23.30 -7.33
C SER A 266 -8.37 -24.40 -6.29
N ASN A 267 -9.36 -24.43 -5.41
CA ASN A 267 -9.58 -25.57 -4.53
C ASN A 267 -9.96 -26.90 -5.23
N THR A 268 -10.82 -26.85 -6.24
CA THR A 268 -11.21 -28.09 -6.92
C THR A 268 -10.02 -28.74 -7.67
N ALA A 269 -9.12 -27.94 -8.24
CA ALA A 269 -7.95 -28.51 -8.89
C ALA A 269 -7.03 -29.16 -7.83
N LEU A 270 -6.71 -28.39 -6.79
CA LEU A 270 -5.71 -28.77 -5.83
C LEU A 270 -6.14 -29.92 -4.95
N ALA A 271 -7.41 -29.94 -4.57
CA ALA A 271 -8.02 -31.10 -3.95
C ALA A 271 -7.73 -32.40 -4.69
N GLN A 272 -7.87 -32.40 -6.01
CA GLN A 272 -7.59 -33.63 -6.75
C GLN A 272 -6.14 -34.07 -6.58
N LEU A 273 -5.22 -33.12 -6.57
CA LEU A 273 -3.84 -33.47 -6.43
C LEU A 273 -3.67 -34.01 -5.00
N GLY A 274 -4.37 -33.38 -4.04
CA GLY A 274 -4.35 -33.87 -2.67
C GLY A 274 -4.77 -35.33 -2.60
N VAL A 275 -5.78 -35.66 -3.38
CA VAL A 275 -6.29 -37.01 -3.39
C VAL A 275 -5.30 -37.92 -4.09
N ALA A 276 -4.67 -37.44 -5.13
CA ALA A 276 -3.72 -38.23 -5.84
C ALA A 276 -2.59 -38.57 -4.89
N LEU A 277 -2.20 -37.62 -4.05
CA LEU A 277 -1.12 -37.84 -3.13
C LEU A 277 -1.45 -38.84 -2.06
N GLY A 278 -2.70 -38.87 -1.57
CA GLY A 278 -2.96 -39.63 -0.36
C GLY A 278 -2.46 -38.99 0.93
N ALA A 279 -3.08 -39.37 2.02
CA ALA A 279 -2.76 -38.82 3.34
C ALA A 279 -1.32 -39.00 3.79
N ASP A 280 -0.76 -40.17 3.54
CA ASP A 280 0.56 -40.48 4.01
C ASP A 280 1.53 -39.50 3.36
N ASN A 281 1.41 -39.29 2.07
CA ASN A 281 2.21 -38.29 1.41
C ASN A 281 2.03 -36.88 1.90
N LEU A 282 0.79 -36.42 2.04
CA LEU A 282 0.53 -35.02 2.38
C LEU A 282 1.11 -34.74 3.77
N VAL A 283 0.88 -35.67 4.68
CA VAL A 283 1.28 -35.52 6.06
C VAL A 283 2.79 -35.63 6.17
N SER A 284 3.36 -36.56 5.46
CA SER A 284 4.78 -36.81 5.59
C SER A 284 5.61 -35.67 5.00
N TYR A 285 5.13 -35.10 3.89
CA TYR A 285 5.78 -33.88 3.34
C TYR A 285 5.59 -32.65 4.22
N ALA A 286 4.44 -32.52 4.88
CA ALA A 286 4.22 -31.43 5.79
C ALA A 286 5.20 -31.57 6.96
N ARG A 287 5.28 -32.78 7.50
CA ARG A 287 6.25 -33.04 8.55
C ARG A 287 7.66 -32.68 8.07
N ALA A 288 8.01 -33.04 6.83
CA ALA A 288 9.34 -32.69 6.36
C ALA A 288 9.54 -31.16 6.32
N PHE A 289 8.51 -30.36 6.08
CA PHE A 289 8.73 -28.91 6.11
C PHE A 289 8.74 -28.42 7.53
N GLY A 290 8.37 -29.28 8.45
CA GLY A 290 8.52 -29.00 9.89
C GLY A 290 7.29 -29.19 10.75
N TYR A 291 6.16 -29.59 10.16
CA TYR A 291 4.99 -29.85 10.94
C TYR A 291 5.38 -30.90 11.98
N GLY A 292 4.89 -30.65 13.18
CA GLY A 292 5.09 -31.54 14.29
C GLY A 292 6.31 -31.19 15.09
N THR A 293 7.17 -30.34 14.56
CA THR A 293 8.37 -29.93 15.27
C THR A 293 8.19 -28.58 15.93
N ALA A 294 8.70 -28.44 17.16
CA ALA A 294 8.70 -27.13 17.85
C ALA A 294 9.81 -26.28 17.29
N LEU A 295 9.51 -25.60 16.20
CA LEU A 295 10.48 -24.80 15.47
C LEU A 295 11.15 -23.74 16.36
N GLY A 296 12.44 -23.50 16.12
CA GLY A 296 13.18 -22.50 16.86
C GLY A 296 14.31 -23.11 17.68
N GLN A 297 15.53 -22.78 17.32
CA GLN A 297 16.65 -23.34 18.05
C GLN A 297 16.67 -22.75 19.42
N ASP A 298 16.23 -21.50 19.50
CA ASP A 298 16.42 -20.72 20.68
C ASP A 298 15.20 -19.85 21.01
N PHE A 299 14.02 -20.30 20.54
CA PHE A 299 12.77 -19.69 20.89
C PHE A 299 11.68 -20.74 20.76
N SER A 300 10.52 -20.48 21.36
CA SER A 300 9.43 -21.45 21.41
C SER A 300 8.42 -21.24 20.33
N THR A 301 8.25 -22.25 19.51
CA THR A 301 7.15 -22.27 18.60
C THR A 301 6.31 -23.48 18.93
N THR A 302 5.00 -23.30 19.03
CA THR A 302 4.08 -24.42 19.21
C THR A 302 3.96 -25.18 17.88
N PRO A 303 4.04 -26.53 17.90
CA PRO A 303 4.15 -27.27 16.62
C PRO A 303 2.95 -27.16 15.71
N SER A 304 3.20 -27.16 14.41
CA SER A 304 2.11 -27.12 13.48
C SER A 304 1.56 -28.52 13.34
N LEU A 305 0.26 -28.63 13.20
CA LEU A 305 -0.42 -29.94 13.33
C LEU A 305 -0.96 -30.49 12.03
N PRO A 307 -3.06 -34.48 10.90
CA PRO A 307 -3.63 -35.69 11.47
C PRO A 307 -2.78 -36.95 11.32
N ASN A 308 -3.20 -38.00 11.99
CA ASN A 308 -2.69 -39.31 11.73
C ASN A 308 -3.22 -39.71 10.36
N PRO A 309 -2.32 -39.98 9.41
CA PRO A 309 -2.80 -40.22 8.05
C PRO A 309 -3.80 -41.37 7.95
N ALA A 310 -3.70 -42.37 8.81
CA ALA A 310 -4.60 -43.52 8.71
C ALA A 310 -6.01 -43.16 9.11
N GLU A 311 -6.18 -42.00 9.74
CA GLU A 311 -7.50 -41.61 10.26
C GLU A 311 -8.24 -40.70 9.26
N THR A 313 -10.25 -39.19 6.22
CA THR A 313 -11.16 -39.61 5.17
C THR A 313 -10.65 -39.00 3.91
N THR A 314 -11.21 -39.48 2.80
CA THR A 314 -10.92 -38.92 1.49
C THR A 314 -11.32 -37.44 1.42
N TRP A 315 -12.55 -37.15 1.80
CA TRP A 315 -13.05 -35.79 1.78
C TRP A 315 -12.15 -34.87 2.63
N GLU A 316 -11.74 -35.39 3.79
CA GLU A 316 -10.92 -34.62 4.67
C GLU A 316 -9.58 -34.37 4.01
N LEU A 317 -9.08 -35.36 3.26
CA LEU A 317 -7.78 -35.23 2.61
C LEU A 317 -7.87 -34.14 1.58
N ALA A 318 -8.96 -34.13 0.85
CA ALA A 318 -9.14 -33.11 -0.17
C ALA A 318 -9.04 -31.70 0.40
N TRP A 319 -9.89 -31.40 1.38
CA TRP A 319 -9.86 -30.08 1.99
C TRP A 319 -8.55 -29.80 2.71
N ALA A 320 -7.91 -30.82 3.27
CA ALA A 320 -6.66 -30.61 3.99
C ALA A 320 -5.63 -30.06 2.99
N SER A 321 -5.71 -30.53 1.75
CA SER A 321 -4.69 -30.20 0.79
C SER A 321 -4.94 -28.82 0.27
N CYS A 322 -6.07 -28.25 0.62
CA CYS A 322 -6.40 -26.87 0.32
C CYS A 322 -6.15 -25.99 1.51
N GLY A 323 -5.55 -26.58 2.52
CA GLY A 323 -5.25 -25.84 3.72
C GLY A 323 -6.40 -25.74 4.72
N LEU A 324 -7.42 -26.61 4.60
CA LEU A 324 -8.55 -26.57 5.53
C LEU A 324 -8.72 -27.83 6.40
N PRO A 325 -8.56 -27.64 7.72
CA PRO A 325 -8.74 -28.75 8.66
C PRO A 325 -10.22 -29.12 8.86
N VAL A 326 -10.66 -30.32 8.47
CA VAL A 326 -12.05 -30.72 8.72
C VAL A 326 -12.29 -32.10 9.35
N GLY A 327 -11.22 -32.83 9.63
CA GLY A 327 -11.29 -34.15 10.24
C GLY A 327 -12.06 -34.20 11.55
N GLU A 328 -12.84 -35.26 11.71
CA GLU A 328 -13.47 -35.61 12.99
C GLU A 328 -12.79 -36.92 13.38
N HIS A 329 -11.81 -36.83 14.28
CA HIS A 329 -11.08 -38.03 14.74
C HIS A 329 -10.21 -37.75 15.99
N ALA A 330 -9.56 -38.79 16.50
CA ALA A 330 -8.84 -38.71 17.77
C ALA A 330 -7.61 -37.84 17.62
N SER A 331 -6.84 -38.09 16.55
CA SER A 331 -5.70 -37.25 16.20
C SER A 331 -6.22 -35.85 15.83
N PRO A 332 -5.36 -34.81 15.94
CA PRO A 332 -5.80 -33.42 15.64
C PRO A 332 -6.23 -33.24 14.18
N ALA A 333 -7.16 -32.33 13.93
CA ALA A 333 -7.47 -31.95 12.56
C ALA A 333 -6.32 -31.13 12.06
N GLY A 334 -6.13 -31.12 10.74
CA GLY A 334 -5.11 -30.31 10.17
C GLY A 334 -5.31 -30.01 8.72
N PRO A 335 -4.48 -29.11 8.19
CA PRO A 335 -3.38 -28.45 8.86
C PRO A 335 -3.77 -27.30 9.77
N GLN A 336 -2.96 -27.12 10.79
CA GLN A 336 -2.93 -25.92 11.60
C GLN A 336 -1.49 -25.48 11.68
N THR A 337 -1.26 -24.22 11.40
CA THR A 337 0.09 -23.74 11.20
C THR A 337 0.33 -22.52 12.06
N THR A 338 1.60 -22.30 12.35
CA THR A 338 2.02 -20.99 12.74
C THR A 338 2.54 -20.19 11.55
N VAL A 339 2.59 -18.89 11.73
CA VAL A 339 3.13 -18.02 10.75
C VAL A 339 4.62 -18.34 10.62
N GLN A 341 5.87 -21.37 11.06
CA GLN A 341 5.89 -22.55 10.19
C GLN A 341 5.71 -22.12 8.74
N ASN A 342 4.81 -21.17 8.47
CA ASN A 342 4.68 -20.70 7.07
C ASN A 342 5.99 -20.08 6.49
N ALA A 343 6.75 -19.35 7.29
CA ALA A 343 8.00 -18.81 6.79
C ALA A 343 8.99 -19.92 6.44
N VAL A 344 8.98 -20.99 7.22
CA VAL A 344 10.00 -22.02 7.10
C VAL A 344 9.79 -22.77 5.81
N ILE A 345 8.52 -22.99 5.49
CA ILE A 345 8.15 -23.51 4.17
C ILE A 345 8.61 -22.61 2.99
N ALA A 346 8.33 -21.32 3.07
CA ALA A 346 8.78 -20.42 2.03
C ALA A 346 10.28 -20.46 1.97
N ALA A 347 10.93 -20.48 3.12
CA ALA A 347 12.38 -20.46 3.14
C ALA A 347 12.98 -21.70 2.41
N ALA A 348 12.41 -22.86 2.73
CA ALA A 348 12.91 -24.09 2.21
C ALA A 348 12.74 -24.12 0.71
N ILE A 349 11.57 -23.71 0.24
CA ILE A 349 11.36 -23.58 -1.19
C ILE A 349 12.36 -22.62 -1.83
N ALA A 350 12.67 -21.51 -1.16
CA ALA A 350 13.63 -20.54 -1.68
C ALA A 350 15.05 -21.04 -1.57
N ASN A 351 15.27 -22.07 -0.76
CA ASN A 351 16.61 -22.56 -0.43
C ASN A 351 16.72 -23.97 -1.02
N GLY A 352 16.24 -24.19 -2.24
CA GLY A 352 16.48 -25.49 -2.89
C GLY A 352 15.99 -26.71 -2.10
N GLY A 353 14.91 -26.53 -1.34
CA GLY A 353 14.31 -27.63 -0.56
C GLY A 353 14.86 -27.92 0.81
N VAL A 354 15.94 -27.23 1.20
CA VAL A 354 16.60 -27.51 2.43
C VAL A 354 15.92 -26.68 3.52
N VAL A 355 15.41 -27.36 4.53
CA VAL A 355 14.63 -26.73 5.61
C VAL A 355 15.61 -26.36 6.71
N ASN A 357 16.15 -24.79 10.63
CA ASN A 357 15.49 -24.52 11.90
C ASN A 357 15.73 -23.07 12.29
N PRO A 358 14.67 -22.27 12.32
CA PRO A 358 14.92 -20.89 12.57
C PRO A 358 15.59 -20.57 13.92
N TYR A 359 16.27 -19.44 13.97
CA TYR A 359 16.84 -18.97 15.21
C TYR A 359 16.84 -17.47 15.31
N ILE A 360 17.02 -17.01 16.52
CA ILE A 360 16.86 -15.60 16.78
C ILE A 360 17.99 -15.03 17.60
N VAL A 361 18.87 -15.87 18.14
CA VAL A 361 20.05 -15.38 18.83
C VAL A 361 21.22 -15.50 17.87
N ASP A 362 21.76 -14.33 17.51
CA ASP A 362 22.89 -14.22 16.62
C ASP A 362 24.17 -14.61 17.40
N ARG A 363 24.49 -13.85 18.46
CA ARG A 363 25.61 -14.20 19.30
C ARG A 363 25.48 -13.72 20.73
N VAL A 364 26.40 -14.21 21.54
CA VAL A 364 26.50 -13.81 22.93
C VAL A 364 27.78 -13.08 23.16
N LEU A 365 27.71 -11.93 23.83
CA LEU A 365 28.90 -11.15 24.21
C LEU A 365 29.22 -11.34 25.66
N SER A 366 30.47 -11.65 26.00
CA SER A 366 30.88 -11.60 27.40
C SER A 366 30.71 -10.15 27.98
N PRO A 367 30.83 -10.00 29.31
CA PRO A 367 30.78 -8.68 29.93
C PRO A 367 31.78 -7.68 29.38
N GLU A 368 32.85 -8.14 28.77
CA GLU A 368 33.87 -7.23 28.28
C GLU A 368 33.79 -7.22 26.75
N GLY A 369 32.72 -7.75 26.22
CA GLY A 369 32.44 -7.60 24.81
C GLY A 369 32.95 -8.72 23.95
N ALA A 370 33.69 -9.70 24.49
CA ALA A 370 34.21 -10.79 23.67
C ALA A 370 33.07 -11.59 23.11
N VAL A 371 33.23 -12.01 21.85
CA VAL A 371 32.18 -12.75 21.20
C VAL A 371 32.42 -14.20 21.50
N VAL A 372 31.64 -14.69 22.42
CA VAL A 372 32.01 -15.87 23.16
C VAL A 372 31.26 -17.04 22.51
N SER A 373 30.10 -16.79 21.96
CA SER A 373 29.55 -17.77 21.06
C SER A 373 28.66 -17.14 20.00
N THR A 374 28.28 -17.95 19.05
CA THR A 374 27.57 -17.54 17.85
C THR A 374 26.67 -18.69 17.50
N THR A 375 25.46 -18.45 17.07
CA THR A 375 24.57 -19.55 16.77
C THR A 375 24.86 -20.04 15.33
N SER A 376 25.00 -21.34 15.11
CA SER A 376 25.20 -21.79 13.74
C SER A 376 23.87 -22.22 13.16
N PRO A 377 23.64 -21.93 11.85
CA PRO A 377 22.49 -22.44 11.10
C PRO A 377 22.45 -23.95 11.21
N LYS A 378 21.26 -24.56 11.28
CA LYS A 378 21.12 -26.02 11.41
C LYS A 378 19.91 -26.47 10.60
N SER A 379 20.13 -27.40 9.64
CA SER A 379 19.06 -27.95 8.78
C SER A 379 18.12 -28.93 9.50
N LEU A 380 16.85 -28.97 9.13
CA LEU A 380 15.97 -30.04 9.60
C LEU A 380 15.72 -31.08 8.52
N GLY A 381 16.58 -31.12 7.52
CA GLY A 381 16.40 -32.06 6.43
C GLY A 381 16.13 -31.38 5.09
N GLN A 382 16.13 -32.17 4.05
CA GLN A 382 15.76 -31.68 2.77
C GLN A 382 14.35 -32.16 2.48
N ALA A 383 13.38 -31.25 2.38
CA ALA A 383 11.98 -31.65 2.28
C ALA A 383 11.61 -32.04 0.85
N VAL A 384 12.18 -31.36 -0.15
CA VAL A 384 11.95 -31.75 -1.52
C VAL A 384 13.23 -31.59 -2.30
N SER A 385 13.28 -32.17 -3.48
CA SER A 385 14.48 -32.02 -4.27
C SER A 385 14.60 -30.54 -4.77
N ALA A 386 15.80 -30.17 -5.15
CA ALA A 386 16.12 -28.87 -5.67
C ALA A 386 15.29 -28.63 -6.93
N ASP A 387 15.19 -29.68 -7.74
CA ASP A 387 14.29 -29.66 -8.88
C ASP A 387 12.87 -29.28 -8.53
N THR A 388 12.31 -29.98 -7.56
CA THR A 388 11.00 -29.66 -7.11
C THR A 388 11.00 -28.22 -6.60
N ALA A 389 11.95 -27.83 -5.78
CA ALA A 389 11.94 -26.46 -5.23
C ALA A 389 11.88 -25.40 -6.37
N ALA A 390 12.65 -25.63 -7.42
CA ALA A 390 12.65 -24.71 -8.56
C ALA A 390 11.28 -24.61 -9.27
N GLN A 391 10.61 -25.74 -9.47
CA GLN A 391 9.25 -25.76 -10.03
C GLN A 391 8.27 -25.02 -9.12
N VAL A 392 8.41 -25.24 -7.82
CA VAL A 392 7.50 -24.52 -6.89
C VAL A 392 7.75 -23.02 -6.93
N ARG A 393 9.02 -22.62 -7.04
CA ARG A 393 9.33 -21.18 -7.15
C ARG A 393 8.68 -20.57 -8.39
N GLU A 394 8.84 -21.25 -9.51
CA GLU A 394 8.16 -20.81 -10.73
C GLU A 394 6.64 -20.59 -10.53
N ALA A 395 5.99 -21.55 -9.90
CA ALA A 395 4.59 -21.51 -9.73
C ALA A 395 4.18 -20.38 -8.83
N LEU A 397 5.97 -17.58 -8.52
CA LEU A 397 6.14 -16.39 -9.30
C LEU A 397 4.82 -16.06 -10.02
N GLY A 398 4.13 -17.06 -10.49
CA GLY A 398 2.92 -16.82 -11.30
C GLY A 398 1.76 -16.35 -10.43
N VAL A 399 1.78 -16.78 -9.18
CA VAL A 399 0.79 -16.32 -8.21
C VAL A 399 0.85 -14.78 -8.21
N VAL A 400 2.04 -14.23 -8.17
CA VAL A 400 2.22 -12.78 -8.00
C VAL A 400 2.17 -12.00 -9.31
N GLU A 401 2.69 -12.58 -10.39
CA GLU A 401 2.75 -11.91 -11.68
C GLU A 401 1.38 -11.83 -12.29
N SER A 402 0.58 -12.89 -12.10
CA SER A 402 -0.68 -12.98 -12.80
C SER A 402 -1.85 -13.59 -12.06
N GLY A 403 -1.73 -13.86 -10.77
CA GLY A 403 -2.80 -14.57 -10.07
C GLY A 403 -3.35 -13.87 -8.83
N THR A 404 -3.70 -14.67 -7.83
CA THR A 404 -4.27 -14.17 -6.57
C THR A 404 -3.38 -13.18 -5.84
N GLY A 405 -2.07 -13.20 -6.10
CA GLY A 405 -1.12 -12.42 -5.31
C GLY A 405 -0.58 -11.20 -6.01
N GLY A 407 -1.42 -8.23 -5.75
CA GLY A 407 -1.25 -7.13 -4.80
C GLY A 407 0.10 -7.14 -4.08
N ALA A 408 0.87 -8.22 -4.24
CA ALA A 408 2.22 -8.28 -3.70
C ALA A 408 3.25 -7.72 -4.62
N ARG A 409 2.85 -7.45 -5.86
CA ARG A 409 3.80 -6.92 -6.84
C ARG A 409 4.35 -5.62 -6.34
N VAL A 410 5.65 -5.43 -6.50
CA VAL A 410 6.28 -4.16 -6.25
C VAL A 410 7.17 -3.81 -7.42
N PRO A 411 7.05 -2.57 -7.95
CA PRO A 411 7.83 -2.32 -9.15
C PRO A 411 9.30 -2.39 -8.80
N GLY A 412 10.07 -2.96 -9.70
CA GLY A 412 11.51 -3.02 -9.54
C GLY A 412 12.02 -4.28 -8.83
N VAL A 413 11.15 -5.14 -8.32
CA VAL A 413 11.65 -6.34 -7.70
C VAL A 413 10.75 -7.52 -8.01
N LYS A 414 11.38 -8.65 -8.26
CA LYS A 414 10.70 -9.82 -8.71
C LYS A 414 10.35 -10.62 -7.47
N ILE A 415 9.07 -10.64 -7.16
CA ILE A 415 8.54 -11.27 -5.95
C ILE A 415 7.60 -12.43 -6.27
N ALA A 416 7.79 -13.55 -5.56
CA ALA A 416 7.00 -14.77 -5.75
C ALA A 416 6.38 -15.17 -4.40
N GLY A 417 5.24 -15.85 -4.42
CA GLY A 417 4.63 -16.24 -3.17
C GLY A 417 3.38 -17.04 -3.36
N LYS A 418 2.68 -17.28 -2.25
CA LYS A 418 1.38 -17.91 -2.32
C LYS A 418 0.44 -17.26 -1.31
N THR A 419 -0.78 -16.99 -1.75
CA THR A 419 -1.75 -16.28 -0.91
C THR A 419 -2.60 -17.31 -0.25
N GLY A 420 -3.31 -16.86 0.78
CA GLY A 420 -4.28 -17.71 1.45
C GLY A 420 -5.42 -16.88 1.99
N THR A 421 -6.58 -17.49 2.13
CA THR A 421 -7.72 -16.86 2.76
C THR A 421 -8.43 -18.01 3.46
N ALA A 422 -8.80 -17.82 4.71
CA ALA A 422 -9.50 -18.88 5.45
C ALA A 422 -10.56 -18.34 6.42
N ASP A 423 -11.71 -18.99 6.52
CA ASP A 423 -12.81 -18.58 7.44
C ASP A 423 -12.47 -18.59 8.92
N ASN A 426 -17.99 -17.04 12.19
CA ASN A 426 -19.00 -16.01 12.38
C ASN A 426 -18.82 -14.79 11.49
N GLY A 427 -18.48 -15.01 10.23
CA GLY A 427 -18.58 -13.96 9.23
C GLY A 427 -17.27 -13.39 8.73
N ASN A 428 -16.28 -13.44 9.59
CA ASN A 428 -14.93 -12.96 9.24
C ASN A 428 -13.87 -14.02 8.90
N PHE A 429 -12.75 -13.54 8.37
CA PHE A 429 -11.75 -14.42 7.80
C PHE A 429 -10.32 -13.81 7.83
N ASN A 430 -9.33 -14.65 7.55
CA ASN A 430 -7.93 -14.28 7.63
C ASN A 430 -7.23 -14.40 6.29
N SER A 431 -6.27 -13.50 6.08
CA SER A 431 -5.55 -13.38 4.84
C SER A 431 -4.08 -13.70 5.10
N PHE A 432 -3.53 -14.67 4.36
CA PHE A 432 -2.12 -15.08 4.58
C PHE A 432 -1.30 -14.74 3.36
N PHE A 433 0.00 -14.75 3.52
CA PHE A 433 0.86 -14.65 2.38
C PHE A 433 2.20 -15.16 2.79
N ILE A 434 2.78 -15.95 1.90
CA ILE A 434 4.17 -16.28 2.07
C ILE A 434 4.86 -15.98 0.77
N GLY A 435 6.04 -15.39 0.85
CA GLY A 435 6.78 -15.13 -0.35
C GLY A 435 8.24 -14.93 -0.16
N PHE A 436 8.91 -14.69 -1.27
CA PHE A 436 10.37 -14.57 -1.26
C PHE A 436 10.86 -13.73 -2.43
N ALA A 437 12.06 -13.23 -2.30
CA ALA A 437 12.57 -12.24 -3.25
C ALA A 437 14.02 -12.10 -3.00
N PRO A 438 14.79 -11.69 -4.02
CA PRO A 438 14.46 -11.65 -5.45
C PRO A 438 14.23 -13.04 -5.99
N TYR A 439 13.30 -13.17 -6.95
CA TYR A 439 12.95 -14.47 -7.53
C TYR A 439 14.17 -15.28 -7.91
N ASP A 440 15.13 -14.63 -8.53
CA ASP A 440 16.24 -15.36 -9.12
C ASP A 440 17.28 -15.84 -8.10
N HIS A 441 17.53 -15.08 -7.05
CA HIS A 441 18.45 -15.58 -6.03
C HIS A 441 17.92 -15.03 -4.74
N PRO A 442 16.92 -15.69 -4.20
CA PRO A 442 16.20 -15.19 -3.01
C PRO A 442 17.13 -14.98 -1.83
N THR A 443 17.00 -13.84 -1.18
CA THR A 443 17.73 -13.60 0.03
C THR A 443 16.80 -13.26 1.15
N LEU A 444 15.50 -13.21 0.91
CA LEU A 444 14.60 -12.98 2.00
C LEU A 444 13.30 -13.70 1.81
N VAL A 445 12.65 -13.94 2.94
CA VAL A 445 11.36 -14.58 2.96
C VAL A 445 10.45 -13.85 3.93
N VAL A 446 9.16 -13.77 3.60
CA VAL A 446 8.15 -13.15 4.45
C VAL A 446 6.99 -14.10 4.63
N SER A 447 6.38 -14.06 5.83
CA SER A 447 5.16 -14.82 6.15
C SER A 447 4.24 -13.89 6.94
N VAL A 448 2.99 -13.78 6.49
CA VAL A 448 2.06 -12.83 7.05
C VAL A 448 0.72 -13.46 7.31
N VAL A 449 0.07 -13.08 8.41
CA VAL A 449 -1.37 -13.26 8.56
C VAL A 449 -1.94 -11.95 9.00
N ILE A 450 -3.02 -11.54 8.34
CA ILE A 450 -3.84 -10.44 8.80
C ILE A 450 -5.20 -10.97 9.21
N GLU A 451 -5.54 -10.85 10.47
CA GLU A 451 -6.81 -11.41 10.92
C GLU A 451 -7.90 -10.43 10.59
N GLY A 452 -8.92 -10.84 9.85
CA GLY A 452 -10.07 -9.98 9.67
C GLY A 452 -10.93 -10.16 10.92
N ASN A 453 -11.10 -9.13 11.72
CA ASN A 453 -11.85 -9.29 12.98
C ASN A 453 -13.23 -8.68 12.86
N GLY A 454 -13.89 -9.06 11.78
CA GLY A 454 -15.15 -8.49 11.39
C GLY A 454 -14.94 -7.73 10.10
N GLU A 455 -13.86 -6.96 10.06
CA GLU A 455 -13.48 -6.25 8.84
C GLU A 455 -13.12 -7.25 7.70
N ASN A 456 -13.20 -6.76 6.47
CA ASN A 456 -12.86 -7.53 5.28
C ASN A 456 -11.40 -7.23 4.89
N VAL A 457 -10.57 -8.27 4.88
CA VAL A 457 -9.13 -8.12 4.63
C VAL A 457 -8.64 -9.07 3.52
N LEU A 458 -9.46 -9.27 2.50
CA LEU A 458 -9.09 -10.07 1.34
C LEU A 458 -7.91 -9.41 0.60
N GLY A 459 -6.86 -10.18 0.34
CA GLY A 459 -5.74 -9.65 -0.44
C GLY A 459 -4.79 -8.79 0.36
N TYR A 460 -5.09 -8.52 1.63
CA TYR A 460 -4.23 -7.71 2.50
C TYR A 460 -2.93 -8.41 2.89
N GLY A 461 -3.01 -9.73 3.08
CA GLY A 461 -1.80 -10.50 3.38
C GLY A 461 -0.74 -10.29 2.32
N ALA A 462 -1.20 -10.34 1.08
CA ALA A 462 -0.33 -10.12 -0.06
C ALA A 462 0.15 -8.68 -0.13
N GLN A 463 -0.73 -7.72 0.10
CA GLN A 463 -0.30 -6.32 0.13
C GLN A 463 0.84 -6.05 1.08
N VAL A 464 0.68 -6.56 2.28
CA VAL A 464 1.59 -6.26 3.35
C VAL A 464 2.91 -6.94 3.07
N GLY A 465 2.80 -8.18 2.64
CA GLY A 465 3.96 -9.02 2.43
C GLY A 465 4.89 -8.41 1.41
N GLY A 466 4.37 -8.14 0.22
CA GLY A 466 5.15 -7.48 -0.82
C GLY A 466 5.82 -6.22 -0.30
N ARG A 467 5.03 -5.34 0.28
CA ARG A 467 5.53 -4.05 0.72
C ARG A 467 6.64 -4.23 1.74
N VAL A 468 6.44 -5.15 2.65
CA VAL A 468 7.44 -5.36 3.69
C VAL A 468 8.71 -5.98 3.12
N LEU A 469 8.53 -6.91 2.19
CA LEU A 469 9.65 -7.57 1.56
C LEU A 469 10.53 -6.61 0.82
N ALA A 470 9.92 -5.78 0.01
CA ALA A 470 10.65 -4.82 -0.75
C ALA A 470 11.41 -3.92 0.20
N GLN A 471 10.72 -3.38 1.19
CA GLN A 471 11.41 -2.51 2.15
C GLN A 471 12.59 -3.28 2.80
N CYS A 472 12.34 -4.51 3.25
CA CYS A 472 13.39 -5.26 3.93
C CYS A 472 14.56 -5.59 3.03
N LEU A 473 14.28 -5.87 1.76
CA LEU A 473 15.31 -6.01 0.74
C LEU A 473 16.20 -4.79 0.60
N ASN A 474 15.60 -3.58 0.56
CA ASN A 474 16.40 -2.38 0.47
C ASN A 474 17.31 -2.32 1.66
N ILE A 475 16.79 -2.56 2.86
CA ILE A 475 17.60 -2.49 4.05
C ILE A 475 18.73 -3.50 4.03
N GLN A 476 18.41 -4.74 3.63
CA GLN A 476 19.40 -5.83 3.57
C GLN A 476 20.51 -5.53 2.59
N ALA A 477 20.13 -4.93 1.47
CA ALA A 477 21.08 -4.63 0.39
C ALA A 477 21.99 -3.47 0.79
N LEU A 478 21.47 -2.42 1.44
CA LEU A 478 22.36 -1.41 2.02
C LEU A 478 23.31 -2.06 3.02
N GLY A 479 22.80 -2.98 3.84
CA GLY A 479 23.61 -3.57 4.92
C GLY A 479 24.74 -4.43 4.39
N ALA A 480 24.47 -5.16 3.31
CA ALA A 480 25.44 -6.02 2.63
C ALA A 480 26.61 -5.28 1.94
N ALA A 481 26.38 -4.06 1.48
CA ALA A 481 27.43 -3.19 0.90
C ALA A 481 28.11 -2.23 1.89
N SER A 482 27.62 -2.10 3.12
CA SER A 482 28.13 -1.06 4.05
C SER A 482 29.52 -1.41 4.61
N VAL B 54 27.28 6.63 -27.13
CA VAL B 54 27.06 7.34 -25.83
C VAL B 54 25.69 6.97 -25.22
N GLN B 55 25.74 6.54 -23.97
CA GLN B 55 24.58 5.99 -23.32
C GLN B 55 23.69 7.11 -22.77
N ARG B 56 22.42 7.06 -23.12
CA ARG B 56 21.48 7.98 -22.59
C ARG B 56 21.22 7.65 -21.11
N GLY B 57 21.00 8.69 -20.31
CA GLY B 57 20.83 8.54 -18.87
C GLY B 57 19.50 7.90 -18.58
N ALA B 58 19.33 7.47 -17.34
CA ALA B 58 18.12 6.76 -16.91
C ALA B 58 17.10 7.71 -16.33
N ILE B 59 15.84 7.31 -16.35
CA ILE B 59 14.79 7.99 -15.61
C ILE B 59 14.33 7.03 -14.51
N ILE B 60 14.38 7.49 -13.27
CA ILE B 60 14.19 6.62 -12.12
C ILE B 60 13.18 7.21 -11.19
N THR B 61 12.42 6.38 -10.48
CA THR B 61 11.51 6.92 -9.52
C THR B 61 12.31 7.27 -8.26
N SER B 62 11.67 7.96 -7.32
CA SER B 62 12.31 8.39 -6.11
C SER B 62 12.63 7.22 -5.18
N ASP B 63 11.90 6.11 -5.34
CA ASP B 63 12.10 4.91 -4.53
C ASP B 63 13.04 3.96 -5.30
N GLY B 64 13.66 4.44 -6.38
CA GLY B 64 14.78 3.76 -7.00
C GLY B 64 14.41 2.83 -8.17
N VAL B 65 13.22 2.95 -8.73
CA VAL B 65 12.85 2.04 -9.80
C VAL B 65 13.12 2.65 -11.17
N THR B 66 13.83 1.93 -12.01
CA THR B 66 14.17 2.44 -13.32
C THR B 66 12.99 2.34 -14.27
N LEU B 67 12.58 3.45 -14.85
CA LEU B 67 11.46 3.43 -15.80
C LEU B 67 11.90 3.63 -17.24
N ALA B 68 13.10 4.15 -17.43
CA ALA B 68 13.68 4.28 -18.77
C ALA B 68 15.17 4.14 -18.64
N GLU B 69 15.76 3.34 -19.53
CA GLU B 69 17.19 3.17 -19.55
C GLU B 69 17.63 2.84 -20.98
N SER B 70 18.95 2.84 -21.20
CA SER B 70 19.52 2.58 -22.51
C SER B 70 20.51 1.42 -22.41
N VAL B 71 20.18 0.31 -23.08
CA VAL B 71 20.93 -0.93 -22.90
C VAL B 71 21.88 -1.15 -24.08
N LYS B 72 23.14 -1.43 -23.78
CA LYS B 72 24.14 -1.66 -24.82
C LYS B 72 23.87 -2.98 -25.55
N GLN B 73 23.85 -2.90 -26.88
CA GLN B 73 23.69 -4.04 -27.77
C GLN B 73 25.02 -4.69 -28.09
N ASP B 74 24.98 -6.02 -28.22
CA ASP B 74 26.11 -6.82 -28.74
C ASP B 74 27.02 -6.11 -29.80
N ASP B 75 26.42 -5.28 -30.67
CA ASP B 75 27.16 -4.39 -31.59
C ASP B 75 28.29 -3.64 -30.90
N THR B 77 25.97 -0.75 -29.92
CA THR B 77 24.95 0.31 -30.00
C THR B 77 24.17 0.41 -28.69
N TYR B 78 23.05 1.15 -28.71
CA TYR B 78 22.18 1.35 -27.53
C TYR B 78 20.68 1.34 -27.89
N VAL B 79 19.85 0.65 -27.12
CA VAL B 79 18.40 0.65 -27.37
C VAL B 79 17.66 1.10 -26.11
N ARG B 80 16.62 1.92 -26.31
CA ARG B 80 15.90 2.51 -25.20
C ARG B 80 14.91 1.51 -24.68
N ASN B 81 14.99 1.18 -23.40
CA ASN B 81 14.15 0.15 -22.81
C ASN B 81 13.29 0.76 -21.72
N TYR B 82 12.04 0.33 -21.64
CA TYR B 82 11.10 0.74 -20.61
C TYR B 82 10.72 -0.48 -19.79
N PRO B 83 11.48 -0.78 -18.72
CA PRO B 83 11.31 -2.02 -17.99
C PRO B 83 9.95 -2.22 -17.35
N HIS B 84 9.26 -1.15 -17.02
CA HIS B 84 7.92 -1.25 -16.52
C HIS B 84 6.98 -0.56 -17.50
N ASP B 85 7.15 -0.91 -18.76
CA ASP B 85 6.40 -0.32 -19.88
C ASP B 85 4.97 -0.27 -19.43
N GLY B 86 4.38 0.92 -19.50
CA GLY B 86 3.01 1.13 -19.12
C GLY B 86 2.87 1.99 -17.89
N ALA B 88 3.28 5.22 -15.68
CA ALA B 88 3.51 6.65 -15.68
C ALA B 88 3.90 7.19 -17.05
N SER B 89 3.27 6.69 -18.10
CA SER B 89 3.73 6.98 -19.47
C SER B 89 3.67 8.47 -19.84
N HIS B 90 2.61 9.15 -19.42
CA HIS B 90 2.44 10.58 -19.76
C HIS B 90 3.55 11.42 -19.15
N THR B 91 4.08 11.00 -18.02
CA THR B 91 5.17 11.71 -17.35
C THR B 91 6.51 11.25 -17.85
N VAL B 92 6.72 9.95 -17.98
CA VAL B 92 8.03 9.50 -18.48
C VAL B 92 8.20 9.83 -19.98
N GLY B 93 7.15 9.64 -20.73
CA GLY B 93 7.22 9.94 -22.15
C GLY B 93 7.98 8.84 -22.85
N TYR B 94 8.64 9.22 -23.93
CA TYR B 94 9.28 8.26 -24.79
C TYR B 94 10.14 9.02 -25.78
N ILE B 95 11.07 8.31 -26.39
CA ILE B 95 11.82 8.73 -27.57
C ILE B 95 11.62 7.68 -28.67
N SER B 96 11.35 8.16 -29.88
CA SER B 96 11.11 7.30 -31.04
C SER B 96 11.26 8.15 -32.28
N THR B 97 12.22 7.77 -33.11
CA THR B 97 12.45 8.43 -34.38
C THR B 97 11.18 8.59 -35.19
N GLN B 98 10.45 7.50 -35.33
CA GLN B 98 9.25 7.53 -36.07
C GLN B 98 8.13 8.26 -35.31
N TYR B 99 8.05 8.13 -33.99
CA TYR B 99 6.86 8.66 -33.29
C TYR B 99 7.11 9.83 -32.36
N GLY B 100 8.31 10.37 -32.40
CA GLY B 100 8.60 11.60 -31.67
C GLY B 100 8.94 11.37 -30.21
N THR B 101 8.94 12.47 -29.46
CA THR B 101 9.28 12.47 -28.05
C THR B 101 8.23 13.19 -27.20
N ALA B 102 8.20 12.84 -25.94
CA ALA B 102 7.24 13.42 -24.99
C ALA B 102 7.76 13.23 -23.56
N GLY B 103 7.05 13.85 -22.63
CA GLY B 103 7.35 13.72 -21.20
C GLY B 103 8.74 14.18 -20.84
N ILE B 104 9.23 13.60 -19.76
CA ILE B 104 10.56 13.82 -19.27
C ILE B 104 11.63 13.45 -20.30
N GLU B 105 11.42 12.41 -21.11
CA GLU B 105 12.36 12.10 -22.19
C GLU B 105 12.65 13.35 -23.06
N SER B 106 11.61 14.14 -23.31
CA SER B 106 11.71 15.38 -24.08
C SER B 106 12.13 16.58 -23.23
N SER B 107 11.47 16.79 -22.10
CA SER B 107 11.76 17.98 -21.29
C SER B 107 13.09 17.96 -20.59
N ASN B 109 15.61 16.14 -22.04
CA ASN B 109 16.47 15.57 -23.04
C ASN B 109 17.95 15.96 -22.96
N GLU B 110 18.24 17.25 -22.88
CA GLU B 110 19.64 17.72 -22.81
C GLU B 110 20.38 17.06 -21.65
N THR B 111 19.70 16.87 -20.53
CA THR B 111 20.35 16.29 -19.35
C THR B 111 20.60 14.82 -19.56
N LEU B 112 19.63 14.16 -20.19
CA LEU B 112 19.72 12.74 -20.45
C LEU B 112 20.69 12.31 -21.54
N THR B 113 21.13 13.24 -22.40
CA THR B 113 22.10 12.90 -23.47
C THR B 113 23.59 12.96 -23.05
N THR B 134 28.60 9.52 -21.22
CA THR B 134 27.32 9.06 -20.65
C THR B 134 26.47 10.23 -20.12
N GLY B 135 25.17 10.15 -20.38
CA GLY B 135 24.18 11.13 -19.92
C GLY B 135 23.96 11.08 -18.42
N SER B 136 23.36 12.14 -17.89
CA SER B 136 22.98 12.22 -16.50
C SER B 136 21.62 11.55 -16.32
N SER B 137 21.28 11.09 -15.13
CA SER B 137 20.02 10.40 -14.90
C SER B 137 19.09 11.29 -14.15
N VAL B 138 17.79 11.04 -14.22
CA VAL B 138 16.76 11.92 -13.67
C VAL B 138 15.93 11.11 -12.71
N VAL B 139 15.85 11.59 -11.49
CA VAL B 139 15.11 10.92 -10.48
C VAL B 139 13.87 11.73 -10.29
N LEU B 140 12.73 11.10 -10.49
CA LEU B 140 11.47 11.73 -10.34
C LEU B 140 11.03 11.69 -8.90
N THR B 141 10.10 12.58 -8.57
CA THR B 141 9.45 12.54 -7.28
C THR B 141 8.46 11.38 -7.19
N ILE B 142 8.08 10.80 -8.31
CA ILE B 142 7.14 9.71 -8.29
C ILE B 142 7.62 8.56 -7.40
N ASN B 143 6.69 8.00 -6.65
CA ASN B 143 6.94 6.81 -5.90
C ASN B 143 6.24 5.68 -6.60
N SER B 144 7.01 4.66 -6.98
CA SER B 144 6.56 3.67 -7.93
C SER B 144 5.34 2.96 -7.36
N GLN B 145 5.31 2.78 -6.05
CA GLN B 145 4.22 2.04 -5.42
C GLN B 145 2.96 2.87 -5.35
N GLN B 147 2.41 5.19 -7.48
CA GLN B 147 2.01 5.20 -8.88
C GLN B 147 1.17 3.95 -9.21
N ALA B 148 1.60 2.79 -8.76
CA ALA B 148 0.89 1.56 -9.14
C ALA B 148 -0.51 1.54 -8.54
N VAL B 149 -0.62 2.09 -7.35
CA VAL B 149 -1.91 2.20 -6.68
C VAL B 149 -2.83 3.09 -7.45
N ALA B 150 -2.35 4.24 -7.85
CA ALA B 150 -3.13 5.19 -8.64
C ALA B 150 -3.62 4.56 -9.93
N GLU B 151 -2.69 3.93 -10.63
CA GLU B 151 -2.99 3.27 -11.91
C GLU B 151 -3.99 2.12 -11.72
N ALA B 152 -3.78 1.27 -10.71
CA ALA B 152 -4.76 0.21 -10.38
C ALA B 152 -6.15 0.80 -10.13
N ALA B 153 -6.25 1.85 -9.32
CA ALA B 153 -7.54 2.47 -8.99
C ALA B 153 -8.27 2.95 -10.23
N LEU B 154 -7.52 3.21 -11.28
CA LEU B 154 -8.11 3.68 -12.51
C LEU B 154 -8.51 2.60 -13.54
N GLN B 155 -8.29 1.31 -13.25
CA GLN B 155 -8.64 0.24 -14.21
C GLN B 155 -10.10 0.30 -14.61
N GLY B 156 -10.37 0.34 -15.93
CA GLY B 156 -11.74 0.32 -16.42
C GLY B 156 -12.44 1.67 -16.42
N TYR B 157 -11.68 2.75 -16.23
CA TYR B 157 -12.22 4.12 -16.16
C TYR B 157 -11.32 5.07 -16.93
N SER B 158 -11.94 6.15 -17.38
CA SER B 158 -11.23 7.29 -17.92
C SER B 158 -11.18 8.36 -16.82
N GLY B 159 -10.01 8.97 -16.66
CA GLY B 159 -9.83 10.00 -15.65
C GLY B 159 -8.40 10.05 -15.19
N SER B 160 -8.19 10.57 -14.00
CA SER B 160 -6.84 10.73 -13.50
C SER B 160 -6.80 10.97 -12.01
N ILE B 161 -5.62 10.73 -11.49
CA ILE B 161 -5.35 10.84 -10.11
C ILE B 161 -4.03 11.49 -9.95
N VAL B 162 -3.93 12.40 -8.98
CA VAL B 162 -2.65 13.00 -8.62
C VAL B 162 -2.52 12.88 -7.15
N VAL B 163 -1.38 12.39 -6.68
CA VAL B 163 -1.04 12.35 -5.25
C VAL B 163 0.19 13.21 -5.03
N ASP B 165 2.66 15.69 -2.14
CA ASP B 165 3.11 16.00 -0.76
C ASP B 165 2.75 17.44 -0.52
N PRO B 166 1.81 17.69 0.39
CA PRO B 166 1.29 19.03 0.49
C PRO B 166 2.30 20.08 1.04
N SER B 167 3.35 19.62 1.72
CA SER B 167 4.37 20.51 2.29
C SER B 167 5.32 21.02 1.23
N THR B 168 5.43 20.32 0.13
CA THR B 168 6.41 20.66 -0.88
C THR B 168 5.87 20.89 -2.28
N GLY B 169 4.69 20.38 -2.59
CA GLY B 169 4.29 20.24 -3.99
C GLY B 169 4.95 19.11 -4.77
N ALA B 170 5.78 18.27 -4.13
CA ALA B 170 6.35 17.12 -4.84
C ALA B 170 5.24 16.17 -5.32
N VAL B 171 5.26 15.80 -6.59
CA VAL B 171 4.20 14.91 -7.12
C VAL B 171 4.60 13.43 -6.94
N LEU B 172 3.83 12.73 -6.11
CA LEU B 172 4.18 11.38 -5.69
C LEU B 172 3.57 10.32 -6.56
N ALA B 173 2.41 10.64 -7.13
CA ALA B 173 1.89 9.84 -8.20
C ALA B 173 1.10 10.74 -9.14
N LYS B 174 1.05 10.34 -10.40
CA LYS B 174 0.43 11.09 -11.49
C LYS B 174 0.03 10.08 -12.58
N ALA B 175 -1.26 9.80 -12.66
CA ALA B 175 -1.74 8.74 -13.49
C ALA B 175 -2.97 9.23 -14.26
N SER B 176 -2.94 9.00 -15.56
CA SER B 176 -4.08 9.31 -16.44
C SER B 176 -4.53 8.05 -17.13
N SER B 177 -5.82 7.98 -17.38
CA SER B 177 -6.43 6.79 -17.92
C SER B 177 -7.47 7.19 -18.96
N PRO B 178 -7.56 6.45 -20.06
CA PRO B 178 -6.71 5.32 -20.46
C PRO B 178 -5.27 5.77 -20.83
N SER B 179 -4.33 4.86 -20.73
CA SER B 179 -2.91 5.19 -20.92
C SER B 179 -2.34 4.26 -21.97
N TYR B 180 -1.04 4.10 -22.01
CA TYR B 180 -0.43 3.38 -23.11
C TYR B 180 0.90 2.89 -22.66
N THR B 181 1.52 2.15 -23.56
CA THR B 181 2.82 1.54 -23.38
C THR B 181 3.65 1.97 -24.59
N HIS B 182 4.97 2.08 -24.40
CA HIS B 182 5.86 2.28 -25.50
C HIS B 182 5.65 1.21 -26.55
N ALA B 183 5.49 -0.05 -26.18
CA ALA B 183 5.33 -1.16 -27.17
C ALA B 183 4.16 -0.99 -28.15
N GLU B 184 3.09 -0.38 -27.68
CA GLU B 184 1.89 -0.11 -28.48
C GLU B 184 1.80 1.30 -29.10
N LEU B 185 2.72 2.18 -28.76
CA LEU B 185 2.61 3.58 -29.14
C LEU B 185 2.26 3.72 -30.61
N GLY B 186 3.05 3.05 -31.42
CA GLY B 186 2.96 3.17 -32.85
C GLY B 186 1.61 2.74 -33.35
N THR B 187 1.13 1.62 -32.83
CA THR B 187 -0.11 1.11 -33.38
C THR B 187 -1.29 1.99 -32.86
N ILE B 188 -1.15 2.61 -31.71
CA ILE B 188 -2.19 3.54 -31.22
C ILE B 188 -2.22 4.80 -32.10
N ILE B 189 -1.05 5.30 -32.44
CA ILE B 189 -0.97 6.46 -33.29
C ILE B 189 -1.53 6.08 -34.67
N GLU B 190 -1.07 4.97 -35.23
CA GLU B 190 -1.50 4.55 -36.58
C GLU B 190 -3.02 4.31 -36.69
N SER B 191 -3.71 4.13 -35.57
CA SER B 191 -5.17 3.97 -35.55
C SER B 191 -5.90 5.27 -35.83
N GLY B 192 -5.32 6.34 -35.29
CA GLY B 192 -5.94 7.65 -35.33
C GLY B 192 -7.19 7.76 -34.48
N THR B 193 -7.36 6.92 -33.46
CA THR B 193 -8.51 7.06 -32.57
C THR B 193 -8.13 6.98 -31.12
N GLY B 194 -9.11 7.28 -30.27
CA GLY B 194 -8.90 7.25 -28.82
C GLY B 194 -8.13 8.46 -28.36
N SER B 195 -7.90 8.52 -27.07
CA SER B 195 -7.32 9.67 -26.41
C SER B 195 -6.42 9.14 -25.34
N GLN B 196 -5.73 8.06 -25.64
CA GLN B 196 -4.80 7.51 -24.68
C GLN B 196 -3.63 8.44 -24.40
N LEU B 197 -3.18 9.19 -25.40
CA LEU B 197 -2.00 10.06 -25.26
C LEU B 197 -2.32 11.35 -24.51
N VAL B 198 -3.60 11.68 -24.35
CA VAL B 198 -3.95 12.86 -23.55
C VAL B 198 -3.58 12.61 -22.09
N ASP B 199 -2.95 13.60 -21.48
CA ASP B 199 -2.68 13.54 -20.07
C ASP B 199 -3.78 14.29 -19.31
N ARG B 200 -4.60 13.55 -18.60
CA ARG B 200 -5.73 14.12 -17.94
C ARG B 200 -5.43 14.65 -16.57
N THR B 201 -4.19 14.56 -16.10
CA THR B 201 -3.81 15.27 -14.88
C THR B 201 -3.50 16.76 -15.11
N THR B 202 -2.92 17.07 -16.26
CA THR B 202 -2.44 18.42 -16.49
C THR B 202 -2.89 19.09 -17.76
N GLN B 203 -3.43 18.32 -18.68
CA GLN B 203 -3.59 18.83 -19.99
C GLN B 203 -5.06 18.80 -20.43
N ALA B 204 -5.96 18.41 -19.56
CA ALA B 204 -7.39 18.48 -19.90
C ALA B 204 -8.06 19.37 -18.90
N LEU B 205 -9.00 20.17 -19.41
CA LEU B 205 -9.77 21.07 -18.58
C LEU B 205 -11.15 20.48 -18.34
N TYR B 206 -11.61 20.60 -17.12
CA TYR B 206 -12.98 20.16 -16.78
C TYR B 206 -13.71 21.22 -15.98
N SER B 207 -15.02 21.11 -15.93
CA SER B 207 -15.79 21.85 -14.95
C SER B 207 -15.59 21.15 -13.63
N PRO B 208 -15.06 21.86 -12.59
CA PRO B 208 -14.73 21.20 -11.31
C PRO B 208 -15.94 20.85 -10.48
N GLY B 209 -17.08 21.42 -10.84
CA GLY B 209 -18.29 21.27 -10.04
C GLY B 209 -18.03 21.71 -8.61
N SER B 210 -18.67 21.00 -7.69
CA SER B 210 -18.73 21.43 -6.29
C SER B 210 -17.42 21.26 -5.56
N SER B 211 -16.43 20.64 -6.20
CA SER B 211 -15.08 20.67 -5.65
C SER B 211 -14.56 22.11 -5.56
N PHE B 212 -14.99 22.94 -6.50
CA PHE B 212 -14.58 24.34 -6.48
C PHE B 212 -15.08 25.11 -5.26
N LYS B 213 -16.18 24.66 -4.64
CA LYS B 213 -16.69 25.34 -3.46
C LYS B 213 -15.64 25.48 -2.36
N THR B 214 -14.62 24.64 -2.41
CA THR B 214 -13.48 24.77 -1.57
C THR B 214 -12.86 26.17 -1.74
N VAL B 215 -12.74 26.62 -2.97
CA VAL B 215 -12.25 27.98 -3.17
C VAL B 215 -13.27 29.00 -2.68
N THR B 216 -14.53 28.80 -3.01
CA THR B 216 -15.52 29.80 -2.65
C THR B 216 -15.58 29.94 -1.12
N LEU B 217 -15.61 28.82 -0.44
CA LEU B 217 -15.63 28.82 1.01
C LEU B 217 -14.40 29.50 1.59
N ALA B 218 -13.24 29.12 1.08
CA ALA B 218 -12.01 29.74 1.53
C ALA B 218 -12.01 31.26 1.37
N ALA B 219 -12.54 31.74 0.26
CA ALA B 219 -12.55 33.17 -0.02
C ALA B 219 -13.49 33.84 0.95
N GLY B 220 -14.66 33.26 1.11
CA GLY B 220 -15.71 33.76 1.98
C GLY B 220 -15.22 33.96 3.39
N ILE B 221 -14.55 32.97 3.94
CA ILE B 221 -14.00 33.10 5.28
C ILE B 221 -12.82 34.05 5.35
N ASP B 222 -11.94 34.00 4.35
CA ASP B 222 -10.73 34.83 4.41
C ASP B 222 -11.02 36.33 4.30
N THR B 223 -12.08 36.70 3.57
CA THR B 223 -12.49 38.10 3.48
C THR B 223 -13.51 38.45 4.56
N HIS B 224 -13.78 37.51 5.47
CA HIS B 224 -14.63 37.72 6.63
C HIS B 224 -16.08 37.93 6.29
N LYS B 225 -16.55 37.37 5.19
CA LYS B 225 -17.94 37.53 4.81
C LYS B 225 -18.87 36.48 5.43
N THR B 226 -18.31 35.50 6.15
CA THR B 226 -19.08 34.39 6.71
C THR B 226 -18.20 33.61 7.66
N THR B 227 -18.82 32.75 8.45
CA THR B 227 -18.11 31.81 9.31
C THR B 227 -18.70 30.46 9.00
N LEU B 228 -18.23 29.42 9.68
CA LEU B 228 -18.75 28.10 9.50
C LEU B 228 -20.13 27.94 10.10
N ASP B 229 -20.48 28.77 11.08
CA ASP B 229 -21.77 28.62 11.76
C ASP B 229 -22.76 29.65 11.32
N THR B 230 -22.36 30.55 10.43
CA THR B 230 -23.33 31.44 9.78
C THR B 230 -24.43 30.63 9.06
N THR B 231 -25.68 30.88 9.40
CA THR B 231 -26.75 30.08 8.83
C THR B 231 -27.09 30.61 7.47
N TYR B 232 -27.52 29.68 6.63
CA TYR B 232 -27.84 29.97 5.28
C TYR B 232 -29.17 29.32 4.99
N SER B 233 -29.99 30.02 4.21
CA SER B 233 -31.20 29.43 3.65
C SER B 233 -30.76 28.52 2.50
N ALA B 234 -31.06 27.23 2.58
CA ALA B 234 -30.63 26.27 1.55
C ALA B 234 -31.80 25.58 0.87
N PRO B 235 -32.66 26.37 0.19
CA PRO B 235 -33.85 25.81 -0.42
C PRO B 235 -33.50 24.97 -1.62
N GLY B 236 -34.49 24.22 -2.13
CA GLY B 236 -34.32 23.35 -3.29
C GLY B 236 -34.01 24.14 -4.53
N THR B 237 -34.52 25.37 -4.56
CA THR B 237 -34.34 26.29 -5.66
C THR B 237 -34.30 27.75 -5.18
N GLU B 239 -33.99 31.99 -7.07
CA GLU B 239 -33.69 32.91 -8.17
C GLU B 239 -32.53 33.79 -7.75
N ILE B 240 -31.54 33.96 -8.62
CA ILE B 240 -30.41 34.84 -8.40
C ILE B 240 -29.96 35.47 -9.71
N GLY B 241 -29.93 36.79 -9.76
CA GLY B 241 -29.54 37.54 -10.93
C GLY B 241 -30.40 37.19 -12.13
N GLY B 242 -31.71 37.07 -11.91
CA GLY B 242 -32.64 36.78 -12.99
C GLY B 242 -32.49 35.39 -13.59
N GLY B 243 -32.05 34.42 -12.79
CA GLY B 243 -31.94 33.05 -13.28
C GLY B 243 -32.05 32.15 -12.07
N THR B 244 -32.21 30.86 -12.31
CA THR B 244 -32.46 29.93 -11.21
C THR B 244 -31.23 29.06 -10.87
N ILE B 245 -31.03 28.90 -9.56
CA ILE B 245 -30.03 28.02 -8.95
C ILE B 245 -30.73 26.82 -8.30
N HIS B 246 -30.15 25.63 -8.37
CA HIS B 246 -30.88 24.41 -7.98
C HIS B 246 -29.97 23.57 -7.08
N ASN B 247 -30.45 23.14 -5.91
CA ASN B 247 -29.74 22.08 -5.17
C ASN B 247 -29.94 20.81 -5.94
N TYR B 248 -29.03 19.87 -5.79
CA TYR B 248 -29.21 18.54 -6.35
C TYR B 248 -30.56 18.03 -5.93
N ALA B 249 -31.30 17.55 -6.93
CA ALA B 249 -32.68 17.03 -6.77
C ALA B 249 -33.66 18.08 -6.23
N ASN B 250 -33.31 19.37 -6.35
CA ASN B 250 -34.14 20.43 -5.78
C ASN B 250 -34.49 20.14 -4.36
N GLU B 251 -33.53 19.57 -3.63
CA GLU B 251 -33.76 19.21 -2.26
C GLU B 251 -33.81 20.48 -1.44
N ASP B 252 -34.72 20.49 -0.48
CA ASP B 252 -34.94 21.66 0.33
C ASP B 252 -34.34 21.41 1.71
N GLY B 254 -33.77 23.69 4.05
CA GLY B 254 -34.13 24.70 5.04
C GLY B 254 -32.92 25.54 5.41
N THR B 255 -32.93 26.03 6.64
CA THR B 255 -31.89 26.91 7.13
C THR B 255 -30.88 26.08 7.90
N ILE B 256 -29.60 26.24 7.54
CA ILE B 256 -28.53 25.42 8.07
C ILE B 256 -27.23 26.20 8.15
N PRO B 257 -26.37 25.86 9.13
CA PRO B 257 -25.03 26.46 9.19
C PRO B 257 -24.20 26.12 7.95
N LEU B 258 -23.27 27.00 7.64
CA LEU B 258 -22.48 26.87 6.43
C LEU B 258 -21.66 25.60 6.35
N ARG B 259 -21.10 25.16 7.47
CA ARG B 259 -20.37 23.90 7.50
C ARG B 259 -21.26 22.79 7.00
N GLU B 260 -22.55 22.83 7.32
CA GLU B 260 -23.47 21.80 6.86
C GLU B 260 -23.88 21.91 5.38
N ALA B 261 -24.10 23.14 4.92
CA ALA B 261 -24.35 23.36 3.49
C ALA B 261 -23.19 22.89 2.64
N PHE B 262 -21.99 23.01 3.20
CA PHE B 262 -20.77 22.60 2.47
C PHE B 262 -20.67 21.09 2.40
N ALA B 263 -20.84 20.49 3.56
CA ALA B 263 -20.73 19.06 3.72
C ALA B 263 -21.73 18.35 2.82
N ARG B 264 -22.91 18.95 2.67
CA ARG B 264 -23.96 18.41 1.79
C ARG B 264 -23.96 19.07 0.43
N SER B 265 -23.09 20.02 0.25
CA SER B 265 -22.86 20.58 -1.08
C SER B 265 -24.14 21.21 -1.64
N SER B 266 -24.71 22.11 -0.87
CA SER B 266 -25.86 22.87 -1.30
C SER B 266 -25.36 23.95 -2.25
N ASN B 267 -25.86 23.92 -3.46
CA ASN B 267 -25.58 24.95 -4.38
C ASN B 267 -26.25 26.26 -3.94
N THR B 268 -27.51 26.22 -3.50
CA THR B 268 -28.21 27.46 -3.25
C THR B 268 -27.52 28.21 -2.16
N ALA B 269 -26.98 27.50 -1.16
CA ALA B 269 -26.26 28.16 -0.07
C ALA B 269 -24.96 28.77 -0.55
N LEU B 270 -24.16 27.99 -1.28
CA LEU B 270 -22.81 28.43 -1.68
C LEU B 270 -22.92 29.49 -2.73
N ALA B 271 -23.91 29.36 -3.60
CA ALA B 271 -24.22 30.44 -4.50
C ALA B 271 -24.41 31.76 -3.76
N GLN B 272 -25.12 31.74 -2.65
CA GLN B 272 -25.35 33.01 -1.95
C GLN B 272 -24.07 33.60 -1.45
N LEU B 273 -23.14 32.74 -1.09
CA LEU B 273 -21.84 33.17 -0.59
C LEU B 273 -21.06 33.87 -1.64
N GLY B 274 -21.00 33.24 -2.81
CA GLY B 274 -20.29 33.77 -3.95
C GLY B 274 -20.82 35.11 -4.41
N VAL B 275 -22.15 35.26 -4.37
CA VAL B 275 -22.74 36.55 -4.68
C VAL B 275 -22.30 37.58 -3.64
N ALA B 276 -22.23 37.17 -2.39
CA ALA B 276 -21.74 38.07 -1.33
C ALA B 276 -20.27 38.48 -1.53
N LEU B 277 -19.44 37.53 -1.93
CA LEU B 277 -18.06 37.83 -2.28
C LEU B 277 -17.89 38.74 -3.48
N GLY B 278 -18.70 38.53 -4.50
CA GLY B 278 -18.51 39.24 -5.76
C GLY B 278 -17.49 38.52 -6.64
N ALA B 279 -17.42 38.94 -7.89
CA ALA B 279 -16.60 38.27 -8.84
C ALA B 279 -15.15 38.63 -8.64
N ASP B 280 -14.88 39.88 -8.33
CA ASP B 280 -13.50 40.25 -8.07
C ASP B 280 -12.87 39.33 -7.11
N ASN B 281 -13.50 39.16 -5.97
CA ASN B 281 -12.91 38.30 -4.95
C ASN B 281 -12.79 36.86 -5.43
N LEU B 282 -13.79 36.38 -6.15
CA LEU B 282 -13.80 34.98 -6.56
C LEU B 282 -12.67 34.68 -7.53
N VAL B 283 -12.55 35.50 -8.56
CA VAL B 283 -11.47 35.35 -9.51
C VAL B 283 -10.16 35.55 -8.82
N SER B 284 -10.06 36.57 -8.00
CA SER B 284 -8.78 36.87 -7.36
C SER B 284 -8.28 35.77 -6.41
N TYR B 285 -9.17 35.14 -5.68
CA TYR B 285 -8.77 34.02 -4.84
C TYR B 285 -8.54 32.74 -5.68
N ALA B 286 -9.32 32.53 -6.73
CA ALA B 286 -9.03 31.44 -7.63
C ALA B 286 -7.61 31.61 -8.19
N ARG B 287 -7.29 32.84 -8.60
CA ARG B 287 -5.96 33.16 -9.10
C ARG B 287 -4.92 32.97 -8.05
N ALA B 288 -5.22 33.33 -6.81
CA ALA B 288 -4.24 33.19 -5.75
C ALA B 288 -3.93 31.71 -5.57
N PHE B 289 -4.91 30.84 -5.81
CA PHE B 289 -4.64 29.41 -5.70
C PHE B 289 -3.89 28.80 -6.89
N GLY B 290 -3.70 29.57 -7.97
CA GLY B 290 -2.96 29.14 -9.14
C GLY B 290 -3.67 29.29 -10.49
N TYR B 291 -4.97 29.61 -10.49
CA TYR B 291 -5.70 29.80 -11.74
C TYR B 291 -4.98 30.84 -12.55
N GLY B 292 -4.88 30.59 -13.84
CA GLY B 292 -4.22 31.52 -14.72
C GLY B 292 -2.72 31.24 -14.75
N THR B 293 -2.21 30.35 -13.90
CA THR B 293 -0.81 29.99 -13.91
C THR B 293 -0.62 28.55 -14.48
N ALA B 294 0.37 28.44 -15.37
CA ALA B 294 0.79 27.16 -15.92
C ALA B 294 1.58 26.45 -14.83
N LEU B 295 0.87 25.74 -13.97
CA LEU B 295 1.44 25.05 -12.85
C LEU B 295 2.49 24.03 -13.33
N GLY B 296 3.54 23.91 -12.53
CA GLY B 296 4.51 22.86 -12.68
C GLY B 296 5.85 23.46 -13.01
N GLN B 297 6.82 23.18 -12.17
CA GLN B 297 8.15 23.76 -12.36
C GLN B 297 8.89 23.08 -13.48
N ASP B 298 8.54 21.86 -13.79
CA ASP B 298 9.38 21.06 -14.68
C ASP B 298 8.51 20.09 -15.51
N PHE B 299 7.25 20.46 -15.68
CA PHE B 299 6.30 19.75 -16.52
C PHE B 299 5.19 20.77 -16.85
N SER B 300 4.39 20.50 -17.88
CA SER B 300 3.42 21.49 -18.32
C SER B 300 2.04 21.23 -17.84
N THR B 301 1.39 22.30 -17.40
CA THR B 301 0.00 22.25 -16.98
C THR B 301 -0.70 23.36 -17.68
N THR B 302 -1.77 23.02 -18.38
CA THR B 302 -2.54 24.02 -19.03
C THR B 302 -3.22 24.82 -17.89
N PRO B 303 -3.15 26.14 -17.98
CA PRO B 303 -3.68 26.99 -16.87
C PRO B 303 -5.16 26.79 -16.63
N SER B 304 -5.55 26.56 -15.39
CA SER B 304 -6.98 26.61 -15.07
C SER B 304 -7.58 28.02 -15.32
N LEU B 305 -8.89 28.11 -15.58
CA LEU B 305 -9.47 29.38 -16.11
C LEU B 305 -10.64 29.96 -15.33
N PRO B 307 -13.33 33.70 -15.76
CA PRO B 307 -13.63 34.90 -16.52
C PRO B 307 -12.89 36.12 -16.02
N ASN B 308 -13.03 37.18 -16.79
CA ASN B 308 -12.65 38.49 -16.38
C ASN B 308 -13.77 38.89 -15.45
N PRO B 309 -13.45 39.27 -14.23
CA PRO B 309 -14.55 39.53 -13.28
C PRO B 309 -15.58 40.60 -13.75
N ALA B 310 -15.09 41.64 -14.41
CA ALA B 310 -15.95 42.65 -15.02
C ALA B 310 -17.00 42.12 -15.99
N GLU B 311 -16.79 40.94 -16.57
CA GLU B 311 -17.70 40.49 -17.62
C GLU B 311 -18.74 39.58 -17.06
N THR B 313 -21.90 37.99 -15.11
CA THR B 313 -23.20 38.35 -14.53
C THR B 313 -23.38 37.76 -13.14
N THR B 314 -24.36 38.27 -12.43
CA THR B 314 -24.69 37.75 -11.12
C THR B 314 -25.10 36.29 -11.18
N TRP B 315 -25.95 35.94 -12.13
CA TRP B 315 -26.33 34.55 -12.26
C TRP B 315 -25.11 33.72 -12.57
N GLU B 316 -24.25 34.24 -13.44
CA GLU B 316 -23.00 33.58 -13.76
C GLU B 316 -22.17 33.41 -12.50
N LEU B 317 -21.97 34.50 -11.77
CA LEU B 317 -21.20 34.44 -10.53
C LEU B 317 -21.80 33.35 -9.59
N ALA B 318 -23.12 33.24 -9.56
CA ALA B 318 -23.72 32.31 -8.64
C ALA B 318 -23.33 30.88 -8.99
N TRP B 319 -23.42 30.56 -10.28
CA TRP B 319 -23.07 29.22 -10.71
C TRP B 319 -21.58 28.96 -10.61
N ALA B 320 -20.76 29.96 -10.90
CA ALA B 320 -19.33 29.78 -10.87
C ALA B 320 -18.91 29.44 -9.47
N SER B 321 -19.63 29.97 -8.50
CA SER B 321 -19.21 29.79 -7.13
C SER B 321 -19.52 28.35 -6.64
N CYS B 322 -20.35 27.63 -7.39
CA CYS B 322 -20.55 26.19 -7.18
C CYS B 322 -19.77 25.37 -8.21
N GLY B 323 -18.87 26.02 -8.95
CA GLY B 323 -17.96 25.30 -9.83
C GLY B 323 -18.48 24.94 -11.21
N LEU B 324 -19.50 25.65 -11.67
CA LEU B 324 -20.10 25.39 -12.97
C LEU B 324 -19.92 26.59 -13.89
N PRO B 325 -19.13 26.45 -14.97
CA PRO B 325 -18.96 27.56 -15.93
C PRO B 325 -20.19 27.76 -16.79
N VAL B 326 -20.83 28.94 -16.74
CA VAL B 326 -22.01 29.22 -17.55
C VAL B 326 -21.93 30.51 -18.32
N GLY B 327 -20.77 31.14 -18.31
CA GLY B 327 -20.65 32.51 -18.81
C GLY B 327 -20.71 32.57 -20.33
N GLU B 328 -21.18 33.70 -20.85
CA GLU B 328 -21.10 34.02 -22.27
C GLU B 328 -20.47 35.38 -22.47
N HIS B 329 -19.20 35.39 -22.83
CA HIS B 329 -18.52 36.67 -22.99
C HIS B 329 -17.15 36.45 -23.66
N ALA B 330 -16.47 37.53 -23.98
CA ALA B 330 -15.14 37.45 -24.60
C ALA B 330 -14.19 36.58 -23.78
N SER B 331 -14.16 36.81 -22.46
CA SER B 331 -13.32 36.01 -21.55
C SER B 331 -13.87 34.59 -21.44
N PRO B 332 -13.01 33.63 -21.08
CA PRO B 332 -13.53 32.27 -21.01
C PRO B 332 -14.48 32.12 -19.83
N ALA B 333 -15.46 31.24 -19.97
CA ALA B 333 -16.32 30.89 -18.86
C ALA B 333 -15.48 30.18 -17.83
N GLY B 334 -15.91 30.17 -16.59
CA GLY B 334 -15.14 29.47 -15.59
C GLY B 334 -15.96 29.21 -14.36
N PRO B 335 -15.45 28.35 -13.49
CA PRO B 335 -14.10 27.80 -13.51
C PRO B 335 -13.92 26.59 -14.42
N GLN B 336 -12.73 26.47 -15.02
CA GLN B 336 -12.30 25.25 -15.67
C GLN B 336 -10.94 24.93 -15.09
N THR B 337 -10.81 23.69 -14.60
CA THR B 337 -9.64 23.28 -13.84
C THR B 337 -8.94 22.08 -14.42
N THR B 338 -7.65 21.97 -14.11
CA THR B 338 -6.94 20.69 -14.22
C THR B 338 -6.99 19.92 -12.90
N VAL B 339 -6.70 18.62 -12.97
CA VAL B 339 -6.65 17.78 -11.80
C VAL B 339 -5.52 18.25 -10.91
N GLN B 341 -4.36 21.34 -10.76
CA GLN B 341 -4.82 22.54 -10.05
C GLN B 341 -5.60 22.17 -8.79
N ASN B 342 -6.47 21.19 -8.93
CA ASN B 342 -7.26 20.83 -7.79
C ASN B 342 -6.47 20.21 -6.64
N ALA B 343 -5.38 19.54 -6.98
CA ALA B 343 -4.45 19.06 -5.97
C ALA B 343 -3.71 20.19 -5.27
N VAL B 344 -3.37 21.24 -6.02
CA VAL B 344 -2.63 22.34 -5.47
C VAL B 344 -3.53 23.09 -4.51
N ILE B 345 -4.81 23.15 -4.83
CA ILE B 345 -5.76 23.72 -3.87
C ILE B 345 -5.83 22.89 -2.55
N ALA B 346 -6.09 21.61 -2.68
CA ALA B 346 -6.08 20.72 -1.53
C ALA B 346 -4.81 20.90 -0.69
N ALA B 347 -3.69 20.93 -1.37
CA ALA B 347 -2.44 21.04 -0.70
C ALA B 347 -2.37 22.37 0.06
N ALA B 348 -2.83 23.46 -0.56
CA ALA B 348 -2.82 24.75 0.13
C ALA B 348 -3.75 24.79 1.36
N ILE B 349 -4.87 24.12 1.33
CA ILE B 349 -5.70 24.01 2.55
C ILE B 349 -5.02 23.12 3.60
N ALA B 350 -4.36 22.09 3.17
CA ALA B 350 -3.76 21.16 4.07
C ALA B 350 -2.54 21.72 4.74
N ASN B 351 -1.87 22.66 4.11
CA ASN B 351 -0.60 23.12 4.61
C ASN B 351 -0.61 24.47 5.26
N GLY B 352 -1.77 25.06 5.43
CA GLY B 352 -1.86 26.33 6.10
C GLY B 352 -1.96 27.51 5.19
N GLY B 353 -2.33 27.27 3.96
CA GLY B 353 -2.62 28.31 2.97
C GLY B 353 -1.56 28.63 1.92
N VAL B 354 -0.50 27.84 1.85
CA VAL B 354 0.65 28.10 0.99
C VAL B 354 0.53 27.34 -0.33
N VAL B 355 0.61 28.09 -1.42
CA VAL B 355 0.38 27.53 -2.72
C VAL B 355 1.72 27.13 -3.26
N ASN B 357 4.22 25.28 -6.11
CA ASN B 357 4.25 25.05 -7.52
C ASN B 357 4.74 23.63 -7.68
N PRO B 358 3.90 22.75 -8.23
CA PRO B 358 4.27 21.37 -8.07
C PRO B 358 5.44 21.03 -8.95
N TYR B 359 6.14 19.96 -8.61
CA TYR B 359 7.23 19.48 -9.45
C TYR B 359 7.34 17.97 -9.44
N ILE B 360 8.06 17.48 -10.41
CA ILE B 360 8.13 16.09 -10.66
C ILE B 360 9.55 15.52 -10.75
N VAL B 361 10.55 16.38 -10.91
CA VAL B 361 11.94 15.96 -10.87
C VAL B 361 12.46 16.21 -9.48
N ASP B 362 12.90 15.13 -8.82
CA ASP B 362 13.51 15.26 -7.51
C ASP B 362 14.93 15.75 -7.66
N ARG B 363 15.71 15.07 -8.49
CA ARG B 363 17.10 15.49 -8.67
C ARG B 363 17.73 14.88 -9.88
N VAL B 364 18.92 15.39 -10.25
CA VAL B 364 19.69 14.87 -11.38
C VAL B 364 21.00 14.34 -10.87
N LEU B 365 21.36 13.18 -11.37
CA LEU B 365 22.57 12.48 -10.98
C LEU B 365 23.50 12.37 -12.18
N SER B 366 24.77 12.59 -11.89
CA SER B 366 25.81 12.50 -12.88
C SER B 366 26.04 11.04 -13.11
N PRO B 367 26.79 10.73 -14.16
CA PRO B 367 27.05 9.31 -14.40
C PRO B 367 27.84 8.69 -13.25
N GLU B 368 28.56 9.49 -12.45
CA GLU B 368 29.31 8.91 -11.31
C GLU B 368 28.46 8.78 -10.07
N GLY B 369 27.22 9.28 -10.13
CA GLY B 369 26.26 9.16 -9.02
C GLY B 369 26.13 10.39 -8.15
N ALA B 370 26.77 11.49 -8.54
CA ALA B 370 26.69 12.70 -7.72
C ALA B 370 25.51 13.54 -8.12
N VAL B 371 25.00 14.29 -7.15
CA VAL B 371 23.90 15.20 -7.41
C VAL B 371 24.42 16.41 -8.20
N VAL B 372 23.78 16.68 -9.34
CA VAL B 372 24.06 17.84 -10.18
C VAL B 372 23.05 18.96 -9.84
N SER B 373 21.83 18.62 -9.49
CA SER B 373 20.89 19.60 -9.02
C SER B 373 19.77 18.94 -8.26
N THR B 374 19.09 19.75 -7.47
CA THR B 374 17.99 19.30 -6.66
C THR B 374 16.85 20.30 -6.82
N THR B 375 15.67 19.83 -7.16
CA THR B 375 14.54 20.73 -7.21
C THR B 375 14.16 21.19 -5.77
N SER B 376 13.94 22.48 -5.64
CA SER B 376 13.59 23.05 -4.39
C SER B 376 12.11 23.42 -4.44
N PRO B 377 11.42 23.15 -3.35
CA PRO B 377 10.03 23.58 -3.31
C PRO B 377 9.94 25.09 -3.49
N LYS B 378 8.86 25.54 -4.13
CA LYS B 378 8.68 26.99 -4.40
C LYS B 378 7.20 27.35 -4.24
N SER B 379 6.99 28.37 -3.42
CA SER B 379 5.66 28.82 -3.08
C SER B 379 5.33 29.88 -4.09
N LEU B 380 4.08 29.91 -4.52
CA LEU B 380 3.56 30.97 -5.36
C LEU B 380 2.71 31.94 -4.56
N GLY B 381 2.75 31.85 -3.23
CA GLY B 381 2.02 32.81 -2.37
C GLY B 381 1.25 32.16 -1.24
N GLN B 382 0.82 33.01 -0.31
CA GLN B 382 -0.14 32.63 0.72
C GLN B 382 -1.53 32.96 0.19
N ALA B 383 -2.34 31.99 -0.21
CA ALA B 383 -3.67 32.30 -0.80
C ALA B 383 -4.75 32.78 0.22
N VAL B 384 -4.74 32.14 1.38
CA VAL B 384 -5.56 32.45 2.51
C VAL B 384 -4.70 32.38 3.79
N SER B 385 -5.20 32.96 4.86
CA SER B 385 -4.54 32.90 6.16
C SER B 385 -4.54 31.45 6.70
N ALA B 386 -3.59 31.12 7.56
CA ALA B 386 -3.59 29.81 8.23
C ALA B 386 -4.89 29.52 8.94
N ASP B 387 -5.45 30.55 9.57
CA ASP B 387 -6.79 30.50 10.14
C ASP B 387 -7.86 30.06 9.17
N THR B 388 -7.87 30.69 8.02
CA THR B 388 -8.82 30.36 7.02
C THR B 388 -8.63 28.88 6.64
N ALA B 389 -7.37 28.47 6.43
CA ALA B 389 -7.11 27.10 6.01
C ALA B 389 -7.64 26.08 7.04
N ALA B 390 -7.37 26.30 8.32
CA ALA B 390 -7.82 25.40 9.40
C ALA B 390 -9.35 25.25 9.36
N GLN B 391 -10.06 26.36 9.18
CA GLN B 391 -11.50 26.27 9.03
C GLN B 391 -11.91 25.50 7.79
N VAL B 392 -11.23 25.71 6.69
CA VAL B 392 -11.65 24.95 5.49
C VAL B 392 -11.35 23.48 5.72
N ARG B 393 -10.27 23.18 6.47
CA ARG B 393 -9.92 21.81 6.82
C ARG B 393 -11.05 21.19 7.65
N GLU B 394 -11.62 21.95 8.56
CA GLU B 394 -12.66 21.41 9.41
C GLU B 394 -13.89 21.15 8.55
N ALA B 395 -14.17 22.08 7.65
CA ALA B 395 -15.29 21.89 6.75
C ALA B 395 -15.13 20.64 5.94
N LEU B 397 -13.43 18.00 6.70
CA LEU B 397 -13.59 16.84 7.56
C LEU B 397 -15.05 16.47 7.58
N GLY B 398 -15.90 17.46 7.80
CA GLY B 398 -17.34 17.25 7.81
C GLY B 398 -17.86 16.62 6.51
N VAL B 399 -17.24 16.97 5.38
CA VAL B 399 -17.68 16.41 4.10
C VAL B 399 -17.61 14.88 4.11
N VAL B 400 -16.48 14.38 4.58
CA VAL B 400 -16.21 12.95 4.56
C VAL B 400 -16.91 12.26 5.72
N GLU B 401 -16.87 12.84 6.90
CA GLU B 401 -17.44 12.19 8.07
C GLU B 401 -18.96 12.07 8.05
N SER B 402 -19.65 13.00 7.40
CA SER B 402 -21.10 13.00 7.46
C SER B 402 -21.79 13.71 6.31
N GLY B 403 -21.12 13.84 5.18
CA GLY B 403 -21.67 14.61 4.07
C GLY B 403 -21.62 13.80 2.81
N THR B 404 -21.31 14.44 1.72
CA THR B 404 -21.24 13.76 0.45
C THR B 404 -20.04 12.84 0.31
N GLY B 405 -19.07 13.00 1.18
CA GLY B 405 -17.82 12.33 1.01
C GLY B 405 -17.61 11.13 1.87
N GLY B 407 -18.11 8.09 1.25
CA GLY B 407 -17.37 7.04 0.56
C GLY B 407 -15.88 7.10 0.70
N ALA B 408 -15.32 8.26 1.05
CA ALA B 408 -13.87 8.37 1.20
C ALA B 408 -13.35 7.87 2.55
N ARG B 409 -14.25 7.51 3.46
CA ARG B 409 -13.81 7.10 4.80
C ARG B 409 -12.91 5.90 4.80
N VAL B 410 -12.01 5.89 5.75
CA VAL B 410 -11.09 4.79 5.87
C VAL B 410 -11.00 4.54 7.35
N PRO B 411 -11.29 3.30 7.78
CA PRO B 411 -11.22 3.00 9.20
C PRO B 411 -9.80 3.24 9.75
N GLY B 412 -9.70 3.95 10.87
CA GLY B 412 -8.41 4.16 11.53
C GLY B 412 -7.68 5.46 11.20
N VAL B 413 -7.99 6.07 10.07
CA VAL B 413 -7.37 7.36 9.72
C VAL B 413 -8.41 8.43 9.38
N LYS B 414 -8.22 9.63 9.91
CA LYS B 414 -9.14 10.73 9.61
C LYS B 414 -8.83 11.29 8.24
N ILE B 415 -9.84 11.25 7.36
CA ILE B 415 -9.70 11.74 6.03
C ILE B 415 -10.64 12.91 5.78
N ALA B 416 -10.18 13.88 5.01
CA ALA B 416 -10.97 15.06 4.73
C ALA B 416 -10.92 15.35 3.24
N GLY B 417 -11.97 15.97 2.73
CA GLY B 417 -12.04 16.25 1.30
C GLY B 417 -13.24 17.06 0.90
N LYS B 418 -13.38 17.30 -0.40
CA LYS B 418 -14.56 17.87 -0.99
C LYS B 418 -14.85 17.12 -2.29
N THR B 419 -16.11 16.74 -2.46
CA THR B 419 -16.56 16.00 -3.63
C THR B 419 -16.98 16.97 -4.68
N GLY B 420 -17.19 16.44 -5.86
CA GLY B 420 -17.71 17.21 -6.95
C GLY B 420 -18.36 16.33 -8.00
N THR B 421 -19.42 16.87 -8.60
CA THR B 421 -20.10 16.27 -9.72
C THR B 421 -20.50 17.40 -10.68
N ALA B 422 -20.10 17.29 -11.94
CA ALA B 422 -20.41 18.30 -12.93
C ALA B 422 -21.03 17.67 -14.15
N ASP B 423 -22.28 18.01 -14.46
CA ASP B 423 -22.98 17.42 -15.61
C ASP B 423 -22.47 18.07 -16.87
N VAL B 424 -22.32 17.29 -17.95
CA VAL B 424 -21.63 17.77 -19.15
C VAL B 424 -22.41 17.63 -20.47
N GLU B 425 -21.68 17.86 -21.57
CA GLU B 425 -21.97 17.42 -22.93
C GLU B 425 -22.65 16.07 -22.95
N ASN B 426 -23.81 15.99 -23.62
CA ASN B 426 -24.52 14.72 -23.77
C ASN B 426 -25.34 14.39 -22.51
N GLY B 427 -25.30 15.26 -21.50
CA GLY B 427 -25.78 14.89 -20.17
C GLY B 427 -25.09 13.66 -19.60
N ASN B 428 -23.76 13.55 -19.76
CA ASN B 428 -22.96 12.66 -18.90
C ASN B 428 -22.65 13.46 -17.64
N PHE B 429 -21.84 12.91 -16.75
CA PHE B 429 -21.31 13.69 -15.67
C PHE B 429 -20.03 13.08 -15.16
N ASN B 430 -19.17 13.93 -14.57
CA ASN B 430 -17.90 13.49 -14.03
C ASN B 430 -17.88 13.62 -12.54
N SER B 431 -17.07 12.78 -11.88
CA SER B 431 -17.02 12.75 -10.44
C SER B 431 -15.64 13.21 -9.97
N PHE B 432 -15.63 14.14 -9.02
CA PHE B 432 -14.38 14.70 -8.52
C PHE B 432 -14.24 14.49 -7.04
N PHE B 433 -12.99 14.56 -6.61
CA PHE B 433 -12.70 14.59 -5.22
C PHE B 433 -11.30 15.08 -5.06
N ILE B 434 -11.14 15.93 -4.07
CA ILE B 434 -9.87 16.31 -3.53
C ILE B 434 -9.86 16.06 -2.04
N GLY B 435 -8.70 15.80 -1.48
CA GLY B 435 -8.65 15.31 -0.14
C GLY B 435 -7.24 15.27 0.40
N PHE B 436 -7.17 15.10 1.71
CA PHE B 436 -5.89 15.09 2.38
C PHE B 436 -5.92 14.21 3.63
N ALA B 437 -4.75 13.70 4.01
CA ALA B 437 -4.67 12.86 5.17
C ALA B 437 -3.28 12.81 5.73
N PRO B 438 -3.16 12.46 7.00
CA PRO B 438 -4.25 12.36 7.98
C PRO B 438 -4.80 13.75 8.22
N TYR B 439 -5.97 13.88 8.85
CA TYR B 439 -6.54 15.21 9.11
C TYR B 439 -5.64 16.12 9.95
N ASP B 440 -5.13 15.65 11.08
CA ASP B 440 -4.12 16.43 11.82
C ASP B 440 -2.78 16.22 11.13
N HIS B 441 -2.00 17.25 10.91
CA HIS B 441 -0.72 17.07 10.24
C HIS B 441 -0.78 16.24 8.91
N PRO B 442 -1.57 16.71 7.94
CA PRO B 442 -1.66 16.09 6.63
C PRO B 442 -0.31 15.95 5.98
N THR B 443 0.06 14.72 5.59
CA THR B 443 1.26 14.53 4.76
C THR B 443 0.92 14.07 3.30
N LEU B 444 -0.36 13.91 2.97
CA LEU B 444 -0.72 13.58 1.63
C LEU B 444 -1.98 14.26 1.14
N VAL B 445 -2.03 14.42 -0.18
CA VAL B 445 -3.11 15.05 -0.82
C VAL B 445 -3.41 14.26 -2.06
N VAL B 446 -4.69 14.13 -2.40
CA VAL B 446 -5.09 13.42 -3.59
C VAL B 446 -6.07 14.26 -4.34
N SER B 447 -6.10 14.11 -5.66
CA SER B 447 -7.01 14.84 -6.56
C SER B 447 -7.48 13.87 -7.63
N VAL B 448 -8.78 13.67 -7.69
CA VAL B 448 -9.31 12.70 -8.62
C VAL B 448 -10.37 13.24 -9.56
N VAL B 449 -10.35 12.75 -10.79
CA VAL B 449 -11.54 12.77 -11.64
C VAL B 449 -11.87 11.42 -12.24
N ILE B 450 -13.16 11.10 -12.22
CA ILE B 450 -13.65 9.96 -12.95
C ILE B 450 -14.68 10.42 -13.98
N GLU B 451 -14.45 10.08 -15.22
CA GLU B 451 -15.33 10.54 -16.24
C GLU B 451 -16.47 9.52 -16.33
N GLY B 452 -17.69 10.02 -16.40
CA GLY B 452 -18.85 9.16 -16.59
C GLY B 452 -18.95 8.62 -18.00
N ASN B 453 -18.64 9.43 -19.00
CA ASN B 453 -18.92 9.06 -20.39
C ASN B 453 -20.36 8.48 -20.51
N GLY B 454 -20.52 7.23 -20.93
CA GLY B 454 -21.83 6.58 -20.81
C GLY B 454 -22.30 6.48 -19.35
N GLU B 455 -21.59 5.65 -18.59
CA GLU B 455 -21.96 5.24 -17.23
C GLU B 455 -22.32 6.37 -16.21
N ASN B 456 -23.08 5.96 -15.19
CA ASN B 456 -23.29 6.70 -13.94
C ASN B 456 -22.12 6.42 -12.97
N VAL B 457 -21.47 7.49 -12.52
CA VAL B 457 -20.28 7.42 -11.66
C VAL B 457 -20.39 8.34 -10.44
N LEU B 458 -21.62 8.63 -10.01
CA LEU B 458 -21.87 9.46 -8.84
C LEU B 458 -21.15 8.86 -7.63
N GLY B 459 -20.44 9.71 -6.86
CA GLY B 459 -19.69 9.27 -5.68
C GLY B 459 -18.37 8.53 -5.90
N TYR B 460 -17.93 8.38 -7.13
CA TYR B 460 -16.78 7.50 -7.40
C TYR B 460 -15.46 8.19 -7.11
N GLY B 461 -15.42 9.51 -7.25
CA GLY B 461 -14.19 10.25 -7.01
C GLY B 461 -13.79 10.02 -5.56
N ALA B 462 -14.74 10.20 -4.66
CA ALA B 462 -14.57 9.97 -3.24
C ALA B 462 -14.08 8.57 -2.88
N GLN B 463 -14.64 7.54 -3.48
CA GLN B 463 -14.26 6.18 -3.13
C GLN B 463 -12.86 5.98 -3.54
N VAL B 464 -12.55 6.36 -4.77
CA VAL B 464 -11.21 6.20 -5.31
C VAL B 464 -10.24 6.99 -4.47
N GLY B 465 -10.60 8.22 -4.17
CA GLY B 465 -9.72 9.10 -3.41
C GLY B 465 -9.36 8.52 -2.06
N GLY B 466 -10.37 8.01 -1.36
CA GLY B 466 -10.19 7.45 -0.04
C GLY B 466 -9.30 6.23 -0.14
N ARG B 467 -9.70 5.29 -0.99
CA ARG B 467 -8.90 4.12 -1.28
C ARG B 467 -7.43 4.54 -1.48
N VAL B 468 -7.21 5.50 -2.37
CA VAL B 468 -5.88 5.89 -2.71
C VAL B 468 -5.09 6.49 -1.53
N LEU B 469 -5.73 7.37 -0.76
CA LEU B 469 -5.04 7.95 0.36
C LEU B 469 -4.62 6.90 1.37
N ALA B 470 -5.55 6.02 1.74
CA ALA B 470 -5.26 4.87 2.60
C ALA B 470 -3.96 4.17 2.16
N GLN B 471 -3.93 3.71 0.94
CA GLN B 471 -2.80 2.93 0.49
C GLN B 471 -1.51 3.71 0.37
N CYS B 472 -1.57 5.00 0.07
CA CYS B 472 -0.32 5.74 -0.03
C CYS B 472 0.18 6.10 1.35
N LEU B 473 -0.76 6.31 2.27
CA LEU B 473 -0.37 6.53 3.65
C LEU B 473 0.42 5.33 4.16
N ASN B 474 -0.15 4.15 3.94
CA ASN B 474 0.54 2.91 4.28
C ASN B 474 1.93 2.88 3.67
N ILE B 475 2.03 3.12 2.38
CA ILE B 475 3.32 3.01 1.71
C ILE B 475 4.32 4.02 2.31
N GLN B 476 3.84 5.19 2.65
CA GLN B 476 4.67 6.22 3.28
C GLN B 476 5.14 5.85 4.69
N ALA B 477 4.23 5.31 5.50
CA ALA B 477 4.55 4.81 6.81
C ALA B 477 5.69 3.77 6.76
N LEU B 478 5.60 2.81 5.87
CA LEU B 478 6.66 1.82 5.74
C LEU B 478 7.99 2.38 5.23
N GLY B 479 7.89 3.38 4.35
CA GLY B 479 9.07 4.02 3.81
C GLY B 479 9.82 4.76 4.89
N ALA B 480 9.13 5.08 5.97
CA ALA B 480 9.64 6.01 6.99
C ALA B 480 9.81 5.38 8.36
N ALA B 481 9.86 4.07 8.44
CA ALA B 481 9.67 3.38 9.69
C ALA B 481 10.86 3.53 10.62
#